data_1WZI
#
_entry.id   1WZI
#
_cell.length_a   70.310
_cell.length_b   85.390
_cell.length_c   117.700
_cell.angle_alpha   90.00
_cell.angle_beta   90.00
_cell.angle_gamma   90.00
#
_symmetry.space_group_name_H-M   'P 21 21 21'
#
loop_
_entity.id
_entity.type
_entity.pdbx_description
1 polymer 'Malate dehydrogenase'
2 non-polymer 'NADPH DIHYDRO-NICOTINAMIDE-ADENINE-DINUCLEOTIDE PHOSPHATE'
3 water water
#
_entity_poly.entity_id   1
_entity_poly.type   'polypeptide(L)'
_entity_poly.pdbx_seq_one_letter_code
;MKAPVRVAVTGAAGQIGYSLLFRIAAGEMLGKDQPVILQLLGSERSFQALEGVVMELEDCAFPLLAGLEATDDPKVAFKD
ADYALLVGAAPRKAGMERRDLLQVNGKIFTEQGRALAEVAKKDVKVLVVGNPANTNALIAYKNAPGLNPRNFTAMTRLDH
NRAKAQLAKKTGTGVDRIRRMTVWGNHSSTMFPDLFHAEVDGRPALELVDMEWYEKVFIPTVAQRGAAIIQARGASSAAS
AANAAIEHIRDWALGTPEGDWVSMAVPSQGEYGIPEGIVYSFPVTAKDGAYRVVEGLEINEFARKRMEITAQELLDEMEQ
VKALGLI
;
_entity_poly.pdbx_strand_id   A,B
#
loop_
_chem_comp.id
_chem_comp.type
_chem_comp.name
_chem_comp.formula
NDP non-polymer 'NADPH DIHYDRO-NICOTINAMIDE-ADENINE-DINUCLEOTIDE PHOSPHATE' 'C21 H30 N7 O17 P3'
#
# COMPACT_ATOMS: atom_id res chain seq x y z
N MET A 1 -4.81 18.41 16.05
CA MET A 1 -3.71 17.56 15.51
C MET A 1 -2.65 17.28 16.56
N LYS A 2 -2.34 16.01 16.73
CA LYS A 2 -1.33 15.59 17.69
C LYS A 2 0.02 16.11 17.18
N ALA A 3 0.99 16.26 18.07
CA ALA A 3 2.31 16.71 17.66
C ALA A 3 2.86 15.60 16.77
N PRO A 4 3.62 15.96 15.72
CA PRO A 4 4.16 14.93 14.83
C PRO A 4 5.06 13.93 15.55
N VAL A 5 5.04 12.68 15.11
CA VAL A 5 5.89 11.66 15.70
C VAL A 5 6.87 11.22 14.61
N ARG A 6 8.08 10.85 15.02
CA ARG A 6 9.08 10.42 14.07
C ARG A 6 9.13 8.91 13.94
N VAL A 7 8.92 8.44 12.71
CA VAL A 7 8.92 7.01 12.41
C VAL A 7 10.11 6.63 11.55
N ALA A 8 11.03 5.87 12.12
CA ALA A 8 12.21 5.42 11.41
C ALA A 8 11.93 4.05 10.81
N VAL A 9 12.36 3.86 9.55
CA VAL A 9 12.17 2.59 8.88
C VAL A 9 13.45 2.21 8.14
N THR A 10 14.01 1.05 8.44
CA THR A 10 15.23 0.60 7.79
C THR A 10 14.85 -0.24 6.58
N GLY A 11 15.82 -0.54 5.72
CA GLY A 11 15.53 -1.31 4.52
C GLY A 11 14.40 -0.65 3.73
N ALA A 12 14.34 0.67 3.84
CA ALA A 12 13.30 1.47 3.20
C ALA A 12 13.18 1.37 1.68
N ALA A 13 14.24 0.94 1.01
CA ALA A 13 14.20 0.82 -0.45
C ALA A 13 13.83 -0.59 -0.90
N GLY A 14 13.56 -1.48 0.06
CA GLY A 14 13.20 -2.85 -0.27
C GLY A 14 11.72 -3.06 -0.51
N GLN A 15 11.34 -4.32 -0.77
CA GLN A 15 9.97 -4.70 -1.07
C GLN A 15 8.95 -4.40 0.03
N ILE A 16 9.24 -4.80 1.26
CA ILE A 16 8.31 -4.52 2.35
C ILE A 16 8.19 -3.01 2.51
N GLY A 17 9.31 -2.31 2.44
CA GLY A 17 9.27 -0.87 2.57
C GLY A 17 8.37 -0.21 1.54
N TYR A 18 8.44 -0.68 0.31
CA TYR A 18 7.63 -0.12 -0.77
C TYR A 18 6.14 -0.32 -0.51
N SER A 19 5.80 -1.39 0.22
CA SER A 19 4.41 -1.69 0.55
C SER A 19 4.03 -1.10 1.91
N LEU A 20 5.02 -0.64 2.66
CA LEU A 20 4.78 -0.11 4.00
C LEU A 20 4.65 1.40 4.16
N LEU A 21 5.64 2.13 3.63
CA LEU A 21 5.70 3.58 3.77
C LEU A 21 4.48 4.41 3.36
N PHE A 22 3.87 4.07 2.23
CA PHE A 22 2.73 4.86 1.79
C PHE A 22 1.54 4.76 2.74
N ARG A 23 1.25 3.56 3.22
CA ARG A 23 0.14 3.40 4.15
C ARG A 23 0.43 4.08 5.48
N ILE A 24 1.70 4.13 5.87
CA ILE A 24 2.04 4.82 7.12
C ILE A 24 1.80 6.31 6.93
N ALA A 25 2.29 6.85 5.80
CA ALA A 25 2.13 8.26 5.51
C ALA A 25 0.65 8.64 5.36
N ALA A 26 -0.17 7.64 5.03
CA ALA A 26 -1.59 7.86 4.86
C ALA A 26 -2.30 7.91 6.22
N GLY A 27 -1.56 7.58 7.28
CA GLY A 27 -2.13 7.60 8.61
C GLY A 27 -2.74 6.30 9.08
N GLU A 28 -2.52 5.24 8.33
CA GLU A 28 -3.08 3.94 8.67
C GLU A 28 -2.45 3.25 9.87
N MET A 29 -1.25 3.66 10.27
CA MET A 29 -0.59 3.01 11.39
C MET A 29 -0.82 3.66 12.75
N LEU A 30 -0.86 4.99 12.79
CA LEU A 30 -1.03 5.71 14.04
C LEU A 30 -2.27 6.58 14.15
N GLY A 31 -3.14 6.51 13.13
CA GLY A 31 -4.35 7.30 13.18
C GLY A 31 -4.39 8.44 12.18
N LYS A 32 -5.59 8.75 11.70
CA LYS A 32 -5.79 9.82 10.72
C LYS A 32 -5.53 11.22 11.26
N ASP A 33 -5.35 11.35 12.57
CA ASP A 33 -5.09 12.67 13.15
C ASP A 33 -3.68 12.75 13.73
N GLN A 34 -2.84 11.79 13.35
CA GLN A 34 -1.47 11.76 13.84
C GLN A 34 -0.45 12.00 12.74
N PRO A 35 0.09 13.24 12.65
CA PRO A 35 1.08 13.54 11.62
C PRO A 35 2.33 12.70 11.87
N VAL A 36 3.00 12.31 10.78
CA VAL A 36 4.21 11.50 10.88
C VAL A 36 5.39 12.07 10.11
N ILE A 37 6.58 11.87 10.65
CA ILE A 37 7.81 12.30 10.01
C ILE A 37 8.55 11.01 9.68
N LEU A 38 8.68 10.72 8.41
CA LEU A 38 9.36 9.50 7.99
C LEU A 38 10.86 9.70 7.86
N GLN A 39 11.62 8.89 8.61
CA GLN A 39 13.07 8.94 8.58
C GLN A 39 13.48 7.56 8.06
N LEU A 40 13.86 7.56 6.78
CA LEU A 40 14.23 6.34 6.07
C LEU A 40 15.72 6.03 6.00
N LEU A 41 16.06 4.80 6.36
CA LEU A 41 17.44 4.36 6.33
C LEU A 41 17.65 3.42 5.15
N GLY A 42 18.68 3.69 4.35
CA GLY A 42 18.99 2.86 3.22
C GLY A 42 20.50 2.75 3.12
N SER A 43 21.01 1.62 2.64
CA SER A 43 22.46 1.46 2.51
C SER A 43 22.96 2.30 1.34
N GLU A 44 24.28 2.51 1.28
CA GLU A 44 24.87 3.30 0.21
C GLU A 44 24.47 2.71 -1.14
N ARG A 45 24.33 1.39 -1.18
CA ARG A 45 23.96 0.69 -2.41
C ARG A 45 22.54 0.98 -2.90
N SER A 46 21.59 1.07 -1.96
CA SER A 46 20.20 1.30 -2.33
C SER A 46 19.73 2.75 -2.17
N PHE A 47 20.65 3.66 -1.87
CA PHE A 47 20.25 5.05 -1.68
C PHE A 47 19.60 5.69 -2.90
N GLN A 48 20.10 5.36 -4.09
CA GLN A 48 19.53 5.92 -5.30
C GLN A 48 18.06 5.53 -5.42
N ALA A 49 17.76 4.27 -5.10
CA ALA A 49 16.38 3.78 -5.15
C ALA A 49 15.57 4.43 -4.03
N LEU A 50 16.19 4.61 -2.87
CA LEU A 50 15.50 5.22 -1.75
C LEU A 50 15.07 6.64 -2.10
N GLU A 51 15.90 7.35 -2.86
CA GLU A 51 15.54 8.71 -3.27
C GLU A 51 14.32 8.66 -4.20
N GLY A 52 14.20 7.56 -4.93
CA GLY A 52 13.07 7.39 -5.83
C GLY A 52 11.81 7.14 -5.05
N VAL A 53 11.94 6.42 -3.94
CA VAL A 53 10.81 6.12 -3.07
C VAL A 53 10.34 7.43 -2.44
N VAL A 54 11.31 8.27 -2.06
CA VAL A 54 11.02 9.57 -1.47
C VAL A 54 10.19 10.40 -2.43
N MET A 55 10.57 10.39 -3.71
CA MET A 55 9.83 11.15 -4.71
C MET A 55 8.40 10.63 -4.82
N GLU A 56 8.22 9.31 -4.85
CA GLU A 56 6.87 8.75 -4.94
C GLU A 56 6.04 9.16 -3.74
N LEU A 57 6.66 9.15 -2.56
CA LEU A 57 5.97 9.55 -1.34
C LEU A 57 5.50 11.00 -1.47
N GLU A 58 6.38 11.86 -1.96
CA GLU A 58 6.04 13.27 -2.16
C GLU A 58 4.87 13.37 -3.14
N ASP A 59 4.90 12.53 -4.16
CA ASP A 59 3.88 12.54 -5.21
C ASP A 59 2.48 12.05 -4.82
N CYS A 60 2.33 11.64 -3.57
CA CYS A 60 1.06 11.18 -3.05
C CYS A 60 0.36 12.34 -2.35
N ALA A 61 1.10 13.42 -2.16
CA ALA A 61 0.60 14.62 -1.48
C ALA A 61 -0.16 14.25 -0.21
N PHE A 62 0.52 13.53 0.68
CA PHE A 62 -0.07 13.11 1.95
C PHE A 62 -0.12 14.25 2.95
N PRO A 63 -1.32 14.62 3.41
CA PRO A 63 -1.44 15.72 4.37
C PRO A 63 -0.77 15.46 5.73
N LEU A 64 -0.70 14.19 6.14
CA LEU A 64 -0.09 13.84 7.44
C LEU A 64 1.42 13.70 7.41
N LEU A 65 2.02 13.71 6.23
CA LEU A 65 3.48 13.56 6.13
C LEU A 65 4.15 14.91 6.40
N ALA A 66 4.42 15.18 7.67
CA ALA A 66 5.03 16.43 8.11
C ALA A 66 6.54 16.51 7.91
N GLY A 67 7.16 15.39 7.56
CA GLY A 67 8.58 15.38 7.33
C GLY A 67 8.99 14.12 6.59
N LEU A 68 10.07 14.19 5.84
CA LEU A 68 10.55 13.07 5.06
C LEU A 68 12.05 13.25 4.84
N GLU A 69 12.84 12.30 5.33
CA GLU A 69 14.29 12.38 5.20
C GLU A 69 14.92 11.02 4.97
N ALA A 70 15.76 10.92 3.94
CA ALA A 70 16.45 9.67 3.63
C ALA A 70 17.91 9.83 4.02
N THR A 71 18.50 8.75 4.52
CA THR A 71 19.91 8.79 4.94
C THR A 71 20.47 7.37 4.95
N ASP A 72 21.79 7.26 5.05
CA ASP A 72 22.44 5.96 5.11
C ASP A 72 23.08 5.80 6.49
N ASP A 73 22.80 6.77 7.35
CA ASP A 73 23.34 6.80 8.71
C ASP A 73 22.28 6.50 9.77
N PRO A 74 22.42 5.37 10.48
CA PRO A 74 21.45 5.00 11.52
C PRO A 74 21.25 6.07 12.59
N LYS A 75 22.33 6.77 12.96
CA LYS A 75 22.22 7.81 13.97
C LYS A 75 21.38 9.00 13.49
N VAL A 76 21.25 9.12 12.18
CA VAL A 76 20.42 10.17 11.62
C VAL A 76 19.00 9.65 11.49
N ALA A 77 18.86 8.43 10.96
CA ALA A 77 17.54 7.81 10.80
C ALA A 77 16.79 7.67 12.12
N PHE A 78 17.50 7.27 13.16
CA PHE A 78 16.89 7.06 14.47
C PHE A 78 16.83 8.28 15.38
N LYS A 79 17.37 9.41 14.94
CA LYS A 79 17.37 10.61 15.77
C LYS A 79 15.96 11.02 16.21
N ASP A 80 15.75 11.04 17.52
CA ASP A 80 14.46 11.41 18.11
C ASP A 80 13.31 10.57 17.61
N ALA A 81 13.59 9.33 17.22
CA ALA A 81 12.55 8.45 16.71
C ALA A 81 11.60 8.00 17.82
N ASP A 82 10.31 8.03 17.52
CA ASP A 82 9.28 7.60 18.44
C ASP A 82 9.01 6.14 18.16
N TYR A 83 9.23 5.75 16.90
CA TYR A 83 9.03 4.38 16.45
C TYR A 83 10.16 4.00 15.50
N ALA A 84 10.56 2.73 15.52
CA ALA A 84 11.60 2.22 14.65
C ALA A 84 11.20 0.85 14.14
N LEU A 85 11.01 0.74 12.83
CA LEU A 85 10.65 -0.52 12.20
C LEU A 85 11.92 -1.01 11.51
N LEU A 86 12.53 -2.05 12.07
CA LEU A 86 13.76 -2.59 11.53
C LEU A 86 13.46 -3.70 10.55
N VAL A 87 13.30 -3.31 9.29
CA VAL A 87 12.96 -4.24 8.21
C VAL A 87 14.19 -4.80 7.51
N GLY A 88 15.21 -3.97 7.35
CA GLY A 88 16.42 -4.41 6.68
C GLY A 88 17.19 -5.45 7.48
N ALA A 89 17.55 -6.55 6.82
CA ALA A 89 18.31 -7.62 7.44
C ALA A 89 19.44 -7.99 6.49
N ALA A 90 20.00 -9.19 6.66
CA ALA A 90 21.09 -9.62 5.81
C ALA A 90 20.64 -10.69 4.81
N PRO A 91 21.15 -10.61 3.57
CA PRO A 91 20.81 -11.56 2.51
C PRO A 91 21.29 -12.98 2.79
N ARG A 92 22.00 -13.58 1.83
CA ARG A 92 22.50 -14.93 1.98
C ARG A 92 23.35 -15.29 0.77
N LYS A 93 24.41 -14.52 0.56
CA LYS A 93 25.32 -14.72 -0.55
C LYS A 93 25.46 -16.19 -0.94
N ALA A 94 25.46 -16.45 -2.24
CA ALA A 94 25.59 -17.81 -2.75
C ALA A 94 26.62 -18.59 -1.94
N GLY A 95 26.16 -19.60 -1.22
CA GLY A 95 27.06 -20.41 -0.41
C GLY A 95 27.55 -19.65 0.80
N MET A 96 26.72 -19.60 1.84
CA MET A 96 27.08 -18.89 3.06
C MET A 96 27.16 -19.85 4.26
N GLU A 97 26.34 -19.60 5.28
CA GLU A 97 26.33 -20.43 6.48
C GLU A 97 25.40 -19.82 7.53
N ARG A 98 24.89 -20.66 8.42
CA ARG A 98 24.00 -20.22 9.48
C ARG A 98 24.77 -19.30 10.43
N ARG A 99 25.83 -19.83 11.02
CA ARG A 99 26.66 -19.09 11.96
C ARG A 99 27.24 -17.86 11.27
N ASP A 100 27.30 -17.92 9.95
CA ASP A 100 27.83 -16.82 9.14
C ASP A 100 26.74 -15.74 9.04
N LEU A 101 25.51 -16.19 8.84
CA LEU A 101 24.38 -15.28 8.73
C LEU A 101 24.23 -14.48 10.02
N LEU A 102 24.40 -15.15 11.14
CA LEU A 102 24.30 -14.50 12.45
C LEU A 102 25.36 -13.43 12.62
N GLN A 103 26.48 -13.59 11.92
CA GLN A 103 27.57 -12.62 12.00
C GLN A 103 27.18 -11.30 11.34
N VAL A 104 26.68 -11.38 10.12
CA VAL A 104 26.27 -10.18 9.40
C VAL A 104 25.09 -9.49 10.09
N ASN A 105 24.07 -10.26 10.45
CA ASN A 105 22.91 -9.69 11.14
C ASN A 105 23.35 -9.19 12.51
N GLY A 106 24.31 -9.90 13.10
CA GLY A 106 24.80 -9.51 14.41
C GLY A 106 25.36 -8.11 14.39
N LYS A 107 26.12 -7.80 13.35
CA LYS A 107 26.71 -6.47 13.23
C LYS A 107 25.63 -5.43 12.95
N ILE A 108 24.70 -5.77 12.07
CA ILE A 108 23.62 -4.85 11.73
C ILE A 108 22.81 -4.44 12.96
N PHE A 109 22.27 -5.42 13.66
CA PHE A 109 21.44 -5.13 14.82
C PHE A 109 22.18 -4.66 16.07
N THR A 110 23.48 -4.89 16.13
CA THR A 110 24.22 -4.40 17.29
C THR A 110 24.39 -2.91 17.05
N GLU A 111 24.70 -2.54 15.80
CA GLU A 111 24.88 -1.14 15.43
C GLU A 111 23.59 -0.35 15.55
N GLN A 112 22.50 -0.91 15.04
CA GLN A 112 21.21 -0.23 15.10
C GLN A 112 20.68 -0.18 16.53
N GLY A 113 20.97 -1.21 17.32
CA GLY A 113 20.54 -1.21 18.70
C GLY A 113 21.26 -0.08 19.44
N ARG A 114 22.55 0.05 19.17
CA ARG A 114 23.36 1.10 19.79
C ARG A 114 22.92 2.48 19.33
N ALA A 115 22.64 2.61 18.04
CA ALA A 115 22.20 3.88 17.47
C ALA A 115 20.90 4.32 18.15
N LEU A 116 19.97 3.38 18.31
CA LEU A 116 18.70 3.68 18.95
C LEU A 116 18.91 4.14 20.39
N ALA A 117 19.78 3.45 21.11
CA ALA A 117 20.06 3.80 22.51
C ALA A 117 20.72 5.17 22.62
N GLU A 118 21.44 5.58 21.60
CA GLU A 118 22.12 6.86 21.62
C GLU A 118 21.32 8.07 21.16
N VAL A 119 20.54 7.92 20.10
CA VAL A 119 19.81 9.07 19.55
C VAL A 119 18.27 9.04 19.54
N ALA A 120 17.67 7.87 19.71
CA ALA A 120 16.21 7.78 19.68
C ALA A 120 15.58 8.24 20.98
N LYS A 121 14.26 8.45 20.94
CA LYS A 121 13.52 8.85 22.14
C LYS A 121 13.72 7.70 23.11
N LYS A 122 13.81 8.01 24.39
CA LYS A 122 13.99 6.97 25.40
C LYS A 122 12.92 5.90 25.32
N ASP A 123 11.69 6.31 25.02
CA ASP A 123 10.58 5.38 24.95
C ASP A 123 10.27 4.93 23.52
N VAL A 124 11.26 4.97 22.64
CA VAL A 124 11.06 4.55 21.26
C VAL A 124 10.52 3.11 21.21
N LYS A 125 9.48 2.90 20.41
CA LYS A 125 8.86 1.59 20.25
C LYS A 125 9.48 0.92 19.03
N VAL A 126 10.13 -0.22 19.24
CA VAL A 126 10.82 -0.93 18.19
C VAL A 126 10.22 -2.27 17.77
N LEU A 127 10.08 -2.45 16.47
CA LEU A 127 9.56 -3.69 15.91
C LEU A 127 10.58 -4.22 14.92
N VAL A 128 11.01 -5.47 15.12
CA VAL A 128 11.97 -6.08 14.22
C VAL A 128 11.23 -6.99 13.24
N VAL A 129 11.41 -6.72 11.95
CA VAL A 129 10.77 -7.51 10.91
C VAL A 129 11.82 -8.35 10.17
N GLY A 130 13.00 -7.77 9.95
CA GLY A 130 14.06 -8.49 9.26
C GLY A 130 14.41 -9.78 9.99
N ASN A 131 14.52 -10.87 9.24
CA ASN A 131 14.83 -12.18 9.85
C ASN A 131 16.32 -12.44 10.07
N PRO A 132 16.65 -13.27 11.08
CA PRO A 132 15.67 -13.92 11.97
C PRO A 132 15.16 -12.89 12.98
N ALA A 133 13.90 -12.51 12.84
CA ALA A 133 13.27 -11.49 13.67
C ALA A 133 13.46 -11.59 15.18
N ASN A 134 13.06 -12.71 15.78
CA ASN A 134 13.17 -12.87 17.24
C ASN A 134 14.61 -12.69 17.74
N THR A 135 15.55 -13.35 17.08
CA THR A 135 16.94 -13.27 17.47
C THR A 135 17.55 -11.89 17.16
N ASN A 136 17.12 -11.28 16.07
CA ASN A 136 17.65 -9.96 15.73
C ASN A 136 17.18 -8.97 16.80
N ALA A 137 15.97 -9.18 17.31
CA ALA A 137 15.40 -8.31 18.35
C ALA A 137 16.20 -8.46 19.64
N LEU A 138 16.56 -9.72 19.95
CA LEU A 138 17.34 -10.02 21.14
C LEU A 138 18.68 -9.29 21.07
N ILE A 139 19.35 -9.41 19.93
CA ILE A 139 20.64 -8.77 19.71
C ILE A 139 20.50 -7.26 19.84
N ALA A 140 19.41 -6.72 19.29
CA ALA A 140 19.16 -5.30 19.32
C ALA A 140 18.98 -4.72 20.72
N TYR A 141 18.10 -5.32 21.52
CA TYR A 141 17.88 -4.77 22.86
C TYR A 141 19.02 -5.06 23.83
N LYS A 142 19.71 -6.17 23.62
CA LYS A 142 20.84 -6.53 24.48
C LYS A 142 21.91 -5.45 24.30
N ASN A 143 21.98 -4.90 23.08
CA ASN A 143 22.95 -3.86 22.76
C ASN A 143 22.36 -2.47 22.94
N ALA A 144 21.22 -2.40 23.61
CA ALA A 144 20.58 -1.11 23.87
C ALA A 144 20.27 -1.01 25.36
N PRO A 145 21.26 -1.26 26.22
CA PRO A 145 20.99 -1.16 27.66
C PRO A 145 20.65 0.29 27.94
N GLY A 146 19.71 0.51 28.86
CA GLY A 146 19.31 1.88 29.14
C GLY A 146 17.93 2.08 28.58
N LEU A 147 17.64 1.40 27.47
CA LEU A 147 16.34 1.47 26.84
C LEU A 147 15.52 0.30 27.36
N ASN A 148 14.24 0.52 27.59
CA ASN A 148 13.36 -0.52 28.09
C ASN A 148 13.42 -1.70 27.11
N PRO A 149 13.83 -2.88 27.60
CA PRO A 149 13.90 -4.05 26.72
C PRO A 149 12.54 -4.43 26.14
N ARG A 150 11.49 -4.23 26.94
CA ARG A 150 10.15 -4.56 26.49
C ARG A 150 9.71 -3.69 25.32
N ASN A 151 10.48 -2.65 25.01
CA ASN A 151 10.15 -1.78 23.88
C ASN A 151 10.67 -2.40 22.58
N PHE A 152 11.39 -3.51 22.71
CA PHE A 152 11.92 -4.22 21.54
C PHE A 152 11.07 -5.44 21.29
N THR A 153 10.51 -5.53 20.09
CA THR A 153 9.65 -6.64 19.73
C THR A 153 9.96 -7.17 18.32
N ALA A 154 9.46 -8.36 18.02
CA ALA A 154 9.65 -8.98 16.70
C ALA A 154 8.26 -9.31 16.16
N MET A 155 8.14 -9.40 14.85
CA MET A 155 6.84 -9.64 14.24
C MET A 155 6.40 -11.09 13.95
N THR A 156 5.26 -11.45 14.51
CA THR A 156 4.65 -12.76 14.28
C THR A 156 3.21 -12.46 13.84
N ARG A 157 2.92 -11.18 13.70
CA ARG A 157 1.58 -10.74 13.30
C ARG A 157 1.18 -11.24 11.92
N LEU A 158 2.14 -11.49 11.03
CA LEU A 158 1.76 -12.01 9.72
C LEU A 158 1.29 -13.46 9.90
N ASP A 159 2.02 -14.23 10.70
CA ASP A 159 1.64 -15.62 10.96
C ASP A 159 0.25 -15.59 11.60
N HIS A 160 0.08 -14.67 12.54
CA HIS A 160 -1.18 -14.48 13.26
C HIS A 160 -2.34 -14.21 12.30
N ASN A 161 -2.15 -13.23 11.41
CA ASN A 161 -3.20 -12.90 10.45
C ASN A 161 -3.45 -14.05 9.48
N ARG A 162 -2.39 -14.75 9.08
CA ARG A 162 -2.53 -15.89 8.17
C ARG A 162 -3.36 -16.97 8.84
N ALA A 163 -3.11 -17.17 10.14
CA ALA A 163 -3.85 -18.17 10.91
C ALA A 163 -5.32 -17.79 10.95
N LYS A 164 -5.60 -16.53 11.23
CA LYS A 164 -6.99 -16.08 11.29
C LYS A 164 -7.66 -16.28 9.94
N ALA A 165 -6.90 -16.02 8.87
CA ALA A 165 -7.43 -16.16 7.52
C ALA A 165 -7.82 -17.62 7.24
N GLN A 166 -6.95 -18.55 7.62
CA GLN A 166 -7.24 -19.97 7.40
C GLN A 166 -8.44 -20.46 8.19
N LEU A 167 -8.58 -20.02 9.44
CA LEU A 167 -9.70 -20.44 10.25
C LEU A 167 -11.00 -19.92 9.67
N ALA A 168 -10.98 -18.66 9.24
CA ALA A 168 -12.16 -18.02 8.65
C ALA A 168 -12.58 -18.77 7.39
N LYS A 169 -11.61 -19.11 6.55
CA LYS A 169 -11.88 -19.83 5.31
C LYS A 169 -12.52 -21.18 5.59
N LYS A 170 -11.91 -21.94 6.50
CA LYS A 170 -12.41 -23.27 6.87
C LYS A 170 -13.83 -23.26 7.43
N THR A 171 -14.13 -22.33 8.33
CA THR A 171 -15.45 -22.25 8.95
C THR A 171 -16.46 -21.51 8.08
N GLY A 172 -15.98 -20.85 7.03
CA GLY A 172 -16.86 -20.11 6.15
C GLY A 172 -17.47 -18.87 6.78
N THR A 173 -16.72 -18.26 7.69
CA THR A 173 -17.20 -17.06 8.38
C THR A 173 -16.28 -15.87 8.10
N GLY A 174 -16.77 -14.67 8.39
CA GLY A 174 -15.96 -13.48 8.17
C GLY A 174 -14.74 -13.48 9.06
N VAL A 175 -13.59 -13.08 8.50
CA VAL A 175 -12.36 -13.05 9.28
C VAL A 175 -12.50 -12.07 10.44
N ASP A 176 -13.40 -11.11 10.28
CA ASP A 176 -13.65 -10.10 11.31
C ASP A 176 -14.30 -10.74 12.54
N ARG A 177 -14.88 -11.92 12.36
CA ARG A 177 -15.53 -12.64 13.44
C ARG A 177 -14.58 -13.62 14.11
N ILE A 178 -13.30 -13.56 13.74
CA ILE A 178 -12.29 -14.45 14.33
C ILE A 178 -11.56 -13.70 15.44
N ARG A 179 -11.59 -14.23 16.66
CA ARG A 179 -10.92 -13.57 17.77
C ARG A 179 -10.08 -14.52 18.61
N ARG A 180 -9.19 -13.93 19.41
CA ARG A 180 -8.30 -14.66 20.30
C ARG A 180 -7.41 -15.68 19.64
N MET A 181 -6.87 -15.31 18.48
CA MET A 181 -5.95 -16.19 17.78
C MET A 181 -4.61 -15.95 18.46
N THR A 182 -3.75 -16.95 18.45
CA THR A 182 -2.44 -16.78 19.06
C THR A 182 -1.43 -17.61 18.30
N VAL A 183 -0.24 -17.03 18.14
CA VAL A 183 0.87 -17.70 17.49
C VAL A 183 1.98 -17.57 18.51
N TRP A 184 2.40 -18.69 19.09
CA TRP A 184 3.44 -18.67 20.10
C TRP A 184 4.83 -18.96 19.56
N GLY A 185 5.82 -18.41 20.24
CA GLY A 185 7.20 -18.67 19.88
C GLY A 185 7.94 -17.85 18.85
N ASN A 186 8.72 -18.57 18.05
CA ASN A 186 9.57 -17.99 17.03
C ASN A 186 8.88 -17.83 15.67
N HIS A 187 9.28 -16.78 14.95
CA HIS A 187 8.75 -16.58 13.61
C HIS A 187 9.64 -17.50 12.78
N SER A 188 9.25 -18.77 12.73
CA SER A 188 10.00 -19.79 11.97
C SER A 188 9.08 -20.98 11.76
N SER A 189 9.65 -22.07 11.24
CA SER A 189 8.86 -23.27 10.99
C SER A 189 8.33 -23.92 12.26
N THR A 190 8.88 -23.55 13.41
CA THR A 190 8.42 -24.12 14.67
C THR A 190 7.32 -23.27 15.32
N MET A 191 6.88 -22.22 14.64
CA MET A 191 5.82 -21.36 15.16
C MET A 191 4.61 -22.20 15.54
N PHE A 192 3.90 -21.79 16.59
CA PHE A 192 2.73 -22.54 17.02
C PHE A 192 1.42 -21.77 17.02
N PRO A 193 0.59 -21.97 15.99
CA PRO A 193 -0.70 -21.28 15.89
C PRO A 193 -1.66 -22.02 16.83
N ASP A 194 -2.16 -21.29 17.82
CA ASP A 194 -3.05 -21.82 18.86
C ASP A 194 -4.53 -21.63 18.58
N LEU A 195 -5.27 -22.74 18.50
CA LEU A 195 -6.70 -22.71 18.23
C LEU A 195 -7.52 -23.02 19.48
N PHE A 196 -6.85 -23.36 20.57
CA PHE A 196 -7.54 -23.72 21.81
C PHE A 196 -8.30 -22.59 22.50
N HIS A 197 -7.96 -21.35 22.18
CA HIS A 197 -8.62 -20.21 22.81
C HIS A 197 -9.29 -19.30 21.78
N ALA A 198 -9.15 -19.65 20.51
CA ALA A 198 -9.73 -18.87 19.43
C ALA A 198 -11.24 -19.07 19.37
N GLU A 199 -11.95 -18.01 18.99
CA GLU A 199 -13.40 -18.08 18.89
C GLU A 199 -13.84 -17.60 17.51
N VAL A 200 -14.89 -18.24 17.00
CA VAL A 200 -15.45 -17.90 15.70
C VAL A 200 -16.89 -17.47 15.99
N ASP A 201 -17.14 -16.17 15.88
CA ASP A 201 -18.47 -15.64 16.17
C ASP A 201 -18.83 -15.94 17.63
N GLY A 202 -17.83 -15.82 18.51
CA GLY A 202 -18.07 -16.08 19.92
C GLY A 202 -18.07 -17.55 20.32
N ARG A 203 -17.90 -18.43 19.35
CA ARG A 203 -17.91 -19.87 19.62
C ARG A 203 -16.49 -20.45 19.50
N PRO A 204 -16.08 -21.26 20.49
CA PRO A 204 -14.75 -21.87 20.46
C PRO A 204 -14.44 -22.55 19.12
N ALA A 205 -13.25 -22.26 18.59
CA ALA A 205 -12.83 -22.81 17.30
C ALA A 205 -12.89 -24.33 17.20
N LEU A 206 -12.37 -25.03 18.21
CA LEU A 206 -12.36 -26.50 18.18
C LEU A 206 -13.75 -27.13 18.20
N GLU A 207 -14.79 -26.31 18.20
CA GLU A 207 -16.15 -26.82 18.17
C GLU A 207 -16.60 -26.84 16.72
N LEU A 208 -15.92 -26.07 15.88
CA LEU A 208 -16.25 -25.99 14.47
C LEU A 208 -15.28 -26.76 13.58
N VAL A 209 -14.09 -27.04 14.09
CA VAL A 209 -13.09 -27.80 13.35
C VAL A 209 -12.54 -28.86 14.28
N ASP A 210 -12.03 -29.96 13.72
CA ASP A 210 -11.48 -31.02 14.56
C ASP A 210 -9.96 -30.99 14.65
N MET A 211 -9.43 -31.78 15.59
CA MET A 211 -7.98 -31.86 15.81
C MET A 211 -7.24 -32.38 14.60
N GLU A 212 -7.89 -33.26 13.83
CA GLU A 212 -7.25 -33.82 12.64
C GLU A 212 -6.92 -32.70 11.66
N TRP A 213 -7.92 -31.86 11.36
CA TRP A 213 -7.71 -30.75 10.44
C TRP A 213 -6.69 -29.77 11.03
N TYR A 214 -6.81 -29.51 12.33
CA TYR A 214 -5.92 -28.60 13.02
C TYR A 214 -4.46 -29.00 12.82
N GLU A 215 -4.13 -30.22 13.23
CA GLU A 215 -2.76 -30.71 13.13
C GLU A 215 -2.26 -31.02 11.71
N LYS A 216 -3.07 -31.68 10.90
CA LYS A 216 -2.65 -32.05 9.55
C LYS A 216 -2.81 -31.01 8.46
N VAL A 217 -3.71 -30.06 8.64
CA VAL A 217 -3.94 -29.04 7.61
C VAL A 217 -3.62 -27.61 8.04
N PHE A 218 -4.28 -27.15 9.10
CA PHE A 218 -4.10 -25.80 9.61
C PHE A 218 -2.65 -25.40 9.90
N ILE A 219 -1.99 -26.12 10.80
CA ILE A 219 -0.62 -25.79 11.17
C ILE A 219 0.37 -25.79 10.00
N PRO A 220 0.41 -26.86 9.20
CA PRO A 220 1.33 -26.90 8.07
C PRO A 220 1.07 -25.79 7.05
N THR A 221 -0.20 -25.53 6.78
CA THR A 221 -0.57 -24.51 5.80
C THR A 221 -0.15 -23.10 6.25
N VAL A 222 -0.35 -22.80 7.53
CA VAL A 222 0.06 -21.49 8.05
C VAL A 222 1.59 -21.36 7.95
N ALA A 223 2.29 -22.44 8.30
CA ALA A 223 3.75 -22.43 8.26
C ALA A 223 4.32 -22.33 6.84
N GLN A 224 3.62 -22.90 5.87
CA GLN A 224 4.07 -22.89 4.48
C GLN A 224 3.52 -21.72 3.66
N ARG A 225 2.66 -20.92 4.27
CA ARG A 225 2.04 -19.80 3.56
C ARG A 225 3.02 -18.87 2.85
N GLY A 226 4.13 -18.54 3.50
CA GLY A 226 5.12 -17.67 2.89
C GLY A 226 5.64 -18.24 1.59
N ALA A 227 5.91 -19.55 1.59
CA ALA A 227 6.41 -20.24 0.40
C ALA A 227 5.33 -20.29 -0.68
N ALA A 228 4.08 -20.44 -0.26
CA ALA A 228 2.97 -20.52 -1.19
C ALA A 228 2.87 -19.22 -1.99
N ILE A 229 3.01 -18.08 -1.33
CA ILE A 229 2.93 -16.81 -2.03
C ILE A 229 4.05 -16.69 -3.06
N ILE A 230 5.26 -17.05 -2.65
CA ILE A 230 6.40 -17.01 -3.55
C ILE A 230 6.15 -17.90 -4.76
N GLN A 231 5.65 -19.11 -4.53
CA GLN A 231 5.38 -20.02 -5.64
C GLN A 231 4.28 -19.52 -6.58
N ALA A 232 3.33 -18.76 -6.06
CA ALA A 232 2.25 -18.25 -6.90
C ALA A 232 2.62 -16.94 -7.59
N ARG A 233 3.12 -15.97 -6.82
CA ARG A 233 3.49 -14.66 -7.36
C ARG A 233 4.87 -14.58 -7.97
N GLY A 234 5.81 -15.39 -7.47
CA GLY A 234 7.17 -15.32 -7.98
C GLY A 234 7.91 -14.23 -7.23
N ALA A 235 7.31 -13.80 -6.11
CA ALA A 235 7.89 -12.77 -5.27
C ALA A 235 7.38 -12.98 -3.85
N SER A 236 8.11 -12.48 -2.87
CA SER A 236 7.74 -12.63 -1.46
C SER A 236 6.47 -11.84 -1.12
N SER A 237 5.89 -12.16 0.04
CA SER A 237 4.66 -11.51 0.51
C SER A 237 4.90 -10.14 1.15
N ALA A 238 5.44 -9.22 0.38
CA ALA A 238 5.74 -7.87 0.87
C ALA A 238 4.53 -7.07 1.34
N ALA A 239 3.44 -7.11 0.57
CA ALA A 239 2.24 -6.35 0.94
C ALA A 239 1.57 -6.82 2.23
N SER A 240 1.42 -8.13 2.39
CA SER A 240 0.79 -8.65 3.59
C SER A 240 1.72 -8.55 4.80
N ALA A 241 3.03 -8.56 4.55
CA ALA A 241 3.98 -8.42 5.65
C ALA A 241 3.95 -6.98 6.15
N ALA A 242 3.85 -6.04 5.20
CA ALA A 242 3.80 -4.62 5.55
C ALA A 242 2.53 -4.35 6.35
N ASN A 243 1.45 -5.00 5.96
CA ASN A 243 0.18 -4.82 6.65
C ASN A 243 0.30 -5.32 8.09
N ALA A 244 0.94 -6.47 8.25
CA ALA A 244 1.13 -7.05 9.59
C ALA A 244 1.97 -6.12 10.46
N ALA A 245 2.98 -5.50 9.86
CA ALA A 245 3.85 -4.58 10.59
C ALA A 245 3.05 -3.38 11.08
N ILE A 246 2.23 -2.85 10.19
CA ILE A 246 1.39 -1.72 10.51
C ILE A 246 0.44 -2.05 11.67
N GLU A 247 -0.17 -3.23 11.63
CA GLU A 247 -1.10 -3.62 12.68
C GLU A 247 -0.41 -3.87 14.01
N HIS A 248 0.80 -4.41 13.95
CA HIS A 248 1.60 -4.69 15.14
C HIS A 248 1.86 -3.38 15.89
N ILE A 249 2.31 -2.36 15.16
CA ILE A 249 2.59 -1.06 15.76
C ILE A 249 1.28 -0.39 16.18
N ARG A 250 0.30 -0.39 15.29
CA ARG A 250 -1.01 0.20 15.55
C ARG A 250 -1.67 -0.30 16.83
N ASP A 251 -1.86 -1.62 16.93
CA ASP A 251 -2.50 -2.19 18.10
C ASP A 251 -1.70 -2.01 19.37
N TRP A 252 -0.41 -1.73 19.22
CA TRP A 252 0.48 -1.52 20.34
C TRP A 252 0.36 -0.07 20.81
N ALA A 253 0.46 0.85 19.87
CA ALA A 253 0.38 2.29 20.15
C ALA A 253 -1.01 2.73 20.56
N LEU A 254 -2.02 2.25 19.84
CA LEU A 254 -3.40 2.60 20.14
C LEU A 254 -3.98 1.59 21.13
N GLY A 255 -4.29 0.39 20.66
CA GLY A 255 -4.82 -0.61 21.56
C GLY A 255 -5.57 -1.75 20.89
N THR A 256 -5.54 -2.90 21.54
CA THR A 256 -6.22 -4.09 21.04
C THR A 256 -7.71 -4.01 21.34
N PRO A 257 -8.54 -4.71 20.55
CA PRO A 257 -9.98 -4.66 20.81
C PRO A 257 -10.39 -5.30 22.14
N GLU A 258 -11.44 -4.77 22.75
CA GLU A 258 -11.94 -5.29 24.02
C GLU A 258 -12.34 -6.75 23.87
N GLY A 259 -11.87 -7.58 24.80
CA GLY A 259 -12.19 -9.00 24.78
C GLY A 259 -11.40 -9.82 23.79
N ASP A 260 -10.42 -9.18 23.14
CA ASP A 260 -9.60 -9.85 22.13
C ASP A 260 -8.12 -9.62 22.47
N TRP A 261 -7.23 -10.20 21.67
CA TRP A 261 -5.80 -10.01 21.88
C TRP A 261 -5.04 -10.28 20.58
N VAL A 262 -3.74 -9.97 20.56
CA VAL A 262 -2.94 -10.20 19.37
C VAL A 262 -1.65 -10.93 19.70
N SER A 263 -0.89 -11.29 18.67
CA SER A 263 0.38 -11.98 18.88
C SER A 263 1.52 -10.97 18.68
N MET A 264 2.46 -10.99 19.61
CA MET A 264 3.64 -10.13 19.57
C MET A 264 4.80 -10.90 20.17
N ALA A 265 5.95 -10.88 19.51
CA ALA A 265 7.13 -11.57 20.04
C ALA A 265 7.84 -10.54 20.92
N VAL A 266 7.88 -10.79 22.22
CA VAL A 266 8.50 -9.85 23.16
C VAL A 266 9.44 -10.55 24.13
N PRO A 267 10.38 -9.80 24.73
CA PRO A 267 11.33 -10.38 25.68
C PRO A 267 10.56 -11.09 26.79
N SER A 268 10.79 -12.39 26.94
CA SER A 268 10.11 -13.16 27.96
C SER A 268 10.54 -12.78 29.37
N GLN A 269 9.59 -12.81 30.29
CA GLN A 269 9.87 -12.50 31.69
C GLN A 269 9.43 -13.69 32.53
N GLY A 270 9.42 -14.87 31.89
CA GLY A 270 9.04 -16.08 32.58
C GLY A 270 7.61 -16.53 32.35
N GLU A 271 6.82 -15.75 31.61
CA GLU A 271 5.43 -16.12 31.37
C GLU A 271 5.32 -17.53 30.80
N TYR A 272 4.35 -18.28 31.31
CA TYR A 272 4.11 -19.65 30.87
C TYR A 272 5.33 -20.55 30.95
N GLY A 273 6.30 -20.17 31.78
CA GLY A 273 7.50 -20.97 31.94
C GLY A 273 8.51 -20.82 30.82
N ILE A 274 8.31 -19.84 29.94
CA ILE A 274 9.25 -19.62 28.86
C ILE A 274 10.50 -18.96 29.41
N PRO A 275 11.69 -19.47 29.03
CA PRO A 275 12.96 -18.91 29.50
C PRO A 275 13.01 -17.40 29.33
N GLU A 276 13.51 -16.70 30.35
CA GLU A 276 13.62 -15.25 30.30
C GLU A 276 14.64 -14.79 29.29
N GLY A 277 14.48 -13.56 28.81
CA GLY A 277 15.41 -13.00 27.86
C GLY A 277 15.13 -13.21 26.38
N ILE A 278 14.71 -14.41 25.99
CA ILE A 278 14.43 -14.66 24.59
C ILE A 278 13.15 -13.94 24.14
N VAL A 279 13.17 -13.43 22.91
CA VAL A 279 12.01 -12.74 22.34
C VAL A 279 11.10 -13.85 21.85
N TYR A 280 9.98 -14.02 22.56
CA TYR A 280 9.02 -15.09 22.29
C TYR A 280 7.63 -14.52 22.04
N SER A 281 6.95 -15.02 21.02
CA SER A 281 5.61 -14.54 20.70
C SER A 281 4.61 -15.05 21.73
N PHE A 282 3.82 -14.14 22.27
CA PHE A 282 2.82 -14.43 23.29
C PHE A 282 1.50 -13.77 22.92
N PRO A 283 0.40 -14.21 23.56
CA PRO A 283 -0.90 -13.60 23.27
C PRO A 283 -0.81 -12.36 24.17
N VAL A 284 -1.14 -11.19 23.64
CA VAL A 284 -1.02 -9.97 24.43
C VAL A 284 -2.12 -8.95 24.17
N THR A 285 -2.45 -8.17 25.19
CA THR A 285 -3.43 -7.11 25.05
C THR A 285 -2.55 -5.87 25.16
N ALA A 286 -2.99 -4.76 24.58
CA ALA A 286 -2.18 -3.56 24.62
C ALA A 286 -2.99 -2.27 24.59
N LYS A 287 -2.36 -1.21 25.10
CA LYS A 287 -2.98 0.11 25.16
C LYS A 287 -1.91 1.19 25.36
N ASP A 288 -2.00 2.26 24.57
CA ASP A 288 -1.10 3.39 24.68
C ASP A 288 0.40 3.12 24.77
N GLY A 289 0.91 2.30 23.85
CA GLY A 289 2.33 2.02 23.84
C GLY A 289 2.80 1.00 24.85
N ALA A 290 1.87 0.36 25.56
CA ALA A 290 2.23 -0.66 26.54
C ALA A 290 1.38 -1.91 26.36
N TYR A 291 2.02 -3.07 26.45
CA TYR A 291 1.31 -4.33 26.29
C TYR A 291 1.51 -5.22 27.51
N ARG A 292 0.66 -6.23 27.63
CA ARG A 292 0.73 -7.18 28.74
C ARG A 292 0.41 -8.56 28.21
N VAL A 293 1.22 -9.54 28.59
CA VAL A 293 0.99 -10.91 28.15
C VAL A 293 -0.28 -11.41 28.82
N VAL A 294 -1.11 -12.11 28.06
CA VAL A 294 -2.34 -12.67 28.62
C VAL A 294 -1.94 -13.95 29.32
N GLU A 295 -1.74 -13.86 30.63
CA GLU A 295 -1.35 -15.03 31.41
C GLU A 295 -2.59 -15.70 31.99
N GLY A 296 -2.40 -16.87 32.60
CA GLY A 296 -3.53 -17.57 33.20
C GLY A 296 -4.30 -18.47 32.25
N LEU A 297 -3.89 -18.51 30.98
CA LEU A 297 -4.57 -19.36 30.01
C LEU A 297 -4.28 -20.83 30.27
N GLU A 298 -5.28 -21.66 30.07
CA GLU A 298 -5.11 -23.10 30.26
C GLU A 298 -4.30 -23.60 29.08
N ILE A 299 -3.19 -24.28 29.34
CA ILE A 299 -2.35 -24.81 28.28
C ILE A 299 -2.33 -26.34 28.29
N ASN A 300 -2.99 -26.95 27.33
CA ASN A 300 -3.04 -28.40 27.26
C ASN A 300 -1.74 -28.95 26.69
N GLU A 301 -1.58 -30.27 26.81
CA GLU A 301 -0.40 -30.98 26.33
C GLU A 301 -0.04 -30.70 24.88
N PHE A 302 -1.05 -30.69 24.00
CA PHE A 302 -0.80 -30.46 22.58
C PHE A 302 -0.14 -29.10 22.35
N ALA A 303 -0.56 -28.11 23.13
CA ALA A 303 -0.01 -26.76 23.03
C ALA A 303 1.37 -26.65 23.67
N ARG A 304 1.51 -27.12 24.90
CA ARG A 304 2.79 -27.02 25.58
C ARG A 304 3.92 -27.72 24.84
N LYS A 305 3.63 -28.88 24.27
CA LYS A 305 4.63 -29.63 23.52
C LYS A 305 5.22 -28.73 22.42
N ARG A 306 4.34 -28.12 21.63
CA ARG A 306 4.80 -27.25 20.56
C ARG A 306 5.38 -25.93 21.08
N MET A 307 4.88 -25.47 22.22
CA MET A 307 5.40 -24.24 22.81
C MET A 307 6.83 -24.46 23.27
N GLU A 308 7.10 -25.64 23.81
CA GLU A 308 8.44 -25.96 24.29
C GLU A 308 9.43 -26.15 23.13
N ILE A 309 8.97 -26.77 22.05
CA ILE A 309 9.85 -26.99 20.90
C ILE A 309 10.35 -25.68 20.32
N THR A 310 9.45 -24.73 20.09
CA THR A 310 9.86 -23.46 19.53
C THR A 310 10.69 -22.66 20.54
N ALA A 311 10.40 -22.84 21.83
CA ALA A 311 11.16 -22.14 22.86
C ALA A 311 12.60 -22.67 22.86
N GLN A 312 12.75 -23.98 22.68
CA GLN A 312 14.08 -24.57 22.67
C GLN A 312 14.86 -24.06 21.45
N GLU A 313 14.17 -23.91 20.32
CA GLU A 313 14.83 -23.41 19.11
C GLU A 313 15.37 -22.00 19.38
N LEU A 314 14.58 -21.18 20.07
CA LEU A 314 14.99 -19.82 20.39
C LEU A 314 16.16 -19.80 21.38
N LEU A 315 16.17 -20.75 22.30
CA LEU A 315 17.25 -20.83 23.28
C LEU A 315 18.56 -21.16 22.56
N ASP A 316 18.50 -22.12 21.65
CA ASP A 316 19.68 -22.52 20.89
C ASP A 316 20.23 -21.33 20.10
N GLU A 317 19.32 -20.56 19.51
CA GLU A 317 19.73 -19.39 18.74
C GLU A 317 20.40 -18.38 19.68
N MET A 318 19.84 -18.22 20.87
CA MET A 318 20.40 -17.31 21.85
C MET A 318 21.79 -17.80 22.27
N GLU A 319 21.91 -19.11 22.45
CA GLU A 319 23.19 -19.70 22.85
C GLU A 319 24.22 -19.48 21.75
N GLN A 320 23.78 -19.54 20.50
CA GLN A 320 24.68 -19.33 19.36
C GLN A 320 25.20 -17.90 19.36
N VAL A 321 24.28 -16.95 19.51
CA VAL A 321 24.62 -15.53 19.53
C VAL A 321 25.56 -15.22 20.69
N LYS A 322 25.31 -15.88 21.83
CA LYS A 322 26.13 -15.67 23.02
C LYS A 322 27.55 -16.18 22.75
N ALA A 323 27.63 -17.37 22.16
CA ALA A 323 28.92 -17.99 21.85
C ALA A 323 29.73 -17.14 20.88
N LEU A 324 29.03 -16.35 20.06
CA LEU A 324 29.69 -15.49 19.09
C LEU A 324 30.06 -14.15 19.70
N GLY A 325 29.60 -13.92 20.93
CA GLY A 325 29.89 -12.68 21.60
C GLY A 325 29.09 -11.49 21.09
N LEU A 326 27.87 -11.76 20.62
CA LEU A 326 27.02 -10.70 20.11
C LEU A 326 26.18 -10.10 21.24
N ILE A 327 26.00 -10.89 22.30
CA ILE A 327 25.23 -10.47 23.46
C ILE A 327 25.92 -10.98 24.72
N MET B 1 -23.32 -1.52 8.48
CA MET B 1 -24.70 -1.05 8.17
C MET B 1 -24.87 -0.91 6.66
N LYS B 2 -23.81 -0.50 5.97
CA LYS B 2 -23.86 -0.32 4.53
C LYS B 2 -23.62 -1.63 3.79
N ALA B 3 -24.39 -1.84 2.73
CA ALA B 3 -24.24 -3.04 1.91
C ALA B 3 -22.93 -2.92 1.15
N PRO B 4 -22.30 -4.04 0.82
CA PRO B 4 -21.02 -4.02 0.10
C PRO B 4 -21.17 -3.50 -1.33
N VAL B 5 -20.12 -2.87 -1.84
CA VAL B 5 -20.13 -2.41 -3.22
C VAL B 5 -19.11 -3.27 -3.95
N ARG B 6 -19.36 -3.55 -5.22
CA ARG B 6 -18.44 -4.38 -5.98
C ARG B 6 -17.45 -3.54 -6.75
N VAL B 7 -16.17 -3.79 -6.50
CA VAL B 7 -15.09 -3.05 -7.14
C VAL B 7 -14.29 -3.97 -8.06
N ALA B 8 -14.35 -3.72 -9.36
CA ALA B 8 -13.60 -4.52 -10.32
C ALA B 8 -12.28 -3.82 -10.60
N VAL B 9 -11.20 -4.58 -10.64
CA VAL B 9 -9.89 -4.04 -10.92
C VAL B 9 -9.18 -4.96 -11.91
N THR B 10 -8.80 -4.41 -13.06
CA THR B 10 -8.09 -5.20 -14.08
C THR B 10 -6.59 -5.00 -13.88
N GLY B 11 -5.78 -5.84 -14.52
CA GLY B 11 -4.34 -5.74 -14.34
C GLY B 11 -3.99 -5.98 -12.88
N ALA B 12 -4.86 -6.73 -12.21
CA ALA B 12 -4.72 -7.01 -10.79
C ALA B 12 -3.40 -7.65 -10.33
N ALA B 13 -2.73 -8.42 -11.18
CA ALA B 13 -1.47 -9.03 -10.76
C ALA B 13 -0.25 -8.18 -11.10
N GLY B 14 -0.50 -6.98 -11.64
CA GLY B 14 0.59 -6.08 -12.00
C GLY B 14 1.09 -5.22 -10.84
N GLN B 15 2.09 -4.38 -11.12
CA GLN B 15 2.69 -3.51 -10.10
C GLN B 15 1.70 -2.54 -9.45
N ILE B 16 0.94 -1.80 -10.26
CA ILE B 16 -0.01 -0.86 -9.67
C ILE B 16 -1.04 -1.60 -8.83
N GLY B 17 -1.50 -2.74 -9.33
CA GLY B 17 -2.48 -3.52 -8.58
C GLY B 17 -1.94 -3.95 -7.22
N TYR B 18 -0.66 -4.30 -7.17
CA TYR B 18 -0.06 -4.74 -5.90
C TYR B 18 -0.01 -3.61 -4.88
N SER B 19 0.08 -2.37 -5.36
CA SER B 19 0.13 -1.19 -4.50
C SER B 19 -1.26 -0.60 -4.33
N LEU B 20 -2.23 -1.16 -5.03
CA LEU B 20 -3.60 -0.64 -5.01
C LEU B 20 -4.63 -1.42 -4.20
N LEU B 21 -4.71 -2.72 -4.46
CA LEU B 21 -5.69 -3.59 -3.83
C LEU B 21 -5.78 -3.61 -2.31
N PHE B 22 -4.64 -3.60 -1.64
CA PHE B 22 -4.65 -3.65 -0.19
C PHE B 22 -5.24 -2.40 0.44
N ARG B 23 -4.92 -1.24 -0.11
CA ARG B 23 -5.45 0.02 0.41
C ARG B 23 -6.95 0.13 0.12
N ILE B 24 -7.40 -0.46 -0.98
CA ILE B 24 -8.82 -0.44 -1.29
C ILE B 24 -9.54 -1.31 -0.25
N ALA B 25 -9.00 -2.51 -0.03
CA ALA B 25 -9.58 -3.43 0.93
C ALA B 25 -9.53 -2.86 2.34
N ALA B 26 -8.56 -1.99 2.60
CA ALA B 26 -8.41 -1.37 3.92
C ALA B 26 -9.47 -0.28 4.12
N GLY B 27 -10.16 0.09 3.05
CA GLY B 27 -11.22 1.10 3.15
C GLY B 27 -10.79 2.52 2.82
N GLU B 28 -9.57 2.68 2.31
CA GLU B 28 -9.05 4.00 1.97
C GLU B 28 -9.68 4.65 0.74
N MET B 29 -10.29 3.86 -0.13
CA MET B 29 -10.87 4.44 -1.33
C MET B 29 -12.33 4.87 -1.22
N LEU B 30 -13.16 4.05 -0.57
CA LEU B 30 -14.57 4.37 -0.47
C LEU B 30 -15.11 4.59 0.94
N GLY B 31 -14.22 4.62 1.93
CA GLY B 31 -14.64 4.84 3.29
C GLY B 31 -14.43 3.65 4.22
N LYS B 32 -14.11 3.95 5.48
CA LYS B 32 -13.86 2.92 6.47
C LYS B 32 -15.17 2.26 6.91
N ASP B 33 -16.29 2.79 6.44
CA ASP B 33 -17.61 2.26 6.76
C ASP B 33 -18.21 1.53 5.57
N GLN B 34 -17.42 1.38 4.50
CA GLN B 34 -17.92 0.75 3.29
C GLN B 34 -17.29 -0.58 2.89
N PRO B 35 -18.00 -1.70 3.11
CA PRO B 35 -17.46 -3.01 2.75
C PRO B 35 -17.30 -3.11 1.23
N VAL B 36 -16.25 -3.80 0.78
CA VAL B 36 -16.01 -3.93 -0.65
C VAL B 36 -15.84 -5.38 -1.07
N ILE B 37 -16.27 -5.66 -2.30
CA ILE B 37 -16.15 -6.98 -2.89
C ILE B 37 -15.17 -6.77 -4.04
N LEU B 38 -13.98 -7.36 -3.93
CA LEU B 38 -12.98 -7.21 -4.98
C LEU B 38 -13.14 -8.27 -6.06
N GLN B 39 -13.36 -7.81 -7.29
CA GLN B 39 -13.50 -8.69 -8.43
C GLN B 39 -12.30 -8.36 -9.31
N LEU B 40 -11.31 -9.24 -9.25
CA LEU B 40 -10.05 -9.03 -9.95
C LEU B 40 -9.91 -9.73 -11.29
N LEU B 41 -9.52 -8.96 -12.30
CA LEU B 41 -9.35 -9.49 -13.64
C LEU B 41 -7.86 -9.61 -13.97
N GLY B 42 -7.49 -10.79 -14.46
CA GLY B 42 -6.12 -11.04 -14.84
C GLY B 42 -6.17 -11.80 -16.15
N SER B 43 -5.00 -12.13 -16.69
CA SER B 43 -4.92 -12.89 -17.94
C SER B 43 -4.51 -14.30 -17.59
N GLU B 44 -4.72 -15.23 -18.52
CA GLU B 44 -4.37 -16.62 -18.32
C GLU B 44 -2.91 -16.72 -17.90
N ARG B 45 -2.09 -15.85 -18.50
CA ARG B 45 -0.65 -15.81 -18.24
C ARG B 45 -0.29 -15.41 -16.82
N SER B 46 -1.03 -14.48 -16.24
CA SER B 46 -0.74 -14.01 -14.88
C SER B 46 -1.77 -14.44 -13.85
N PHE B 47 -2.59 -15.44 -14.17
CA PHE B 47 -3.60 -15.89 -13.23
C PHE B 47 -3.02 -16.57 -12.00
N GLN B 48 -1.92 -17.31 -12.18
CA GLN B 48 -1.29 -17.97 -11.05
C GLN B 48 -0.80 -16.91 -10.09
N ALA B 49 -0.24 -15.83 -10.64
CA ALA B 49 0.27 -14.74 -9.83
C ALA B 49 -0.91 -14.04 -9.13
N LEU B 50 -2.03 -13.97 -9.82
CA LEU B 50 -3.21 -13.33 -9.25
C LEU B 50 -3.72 -14.11 -8.04
N GLU B 51 -3.63 -15.44 -8.10
CA GLU B 51 -4.05 -16.27 -6.97
C GLU B 51 -3.13 -15.94 -5.80
N GLY B 52 -1.88 -15.62 -6.11
CA GLY B 52 -0.93 -15.26 -5.08
C GLY B 52 -1.35 -13.95 -4.42
N VAL B 53 -1.83 -13.02 -5.23
CA VAL B 53 -2.27 -11.72 -4.72
C VAL B 53 -3.50 -11.94 -3.84
N VAL B 54 -4.40 -12.80 -4.29
CA VAL B 54 -5.60 -13.10 -3.52
C VAL B 54 -5.20 -13.62 -2.14
N MET B 55 -4.20 -14.50 -2.10
CA MET B 55 -3.75 -15.03 -0.81
C MET B 55 -3.22 -13.94 0.11
N GLU B 56 -2.46 -12.99 -0.42
CA GLU B 56 -1.93 -11.92 0.41
C GLU B 56 -3.04 -11.05 0.97
N LEU B 57 -4.07 -10.79 0.15
CA LEU B 57 -5.20 -9.99 0.60
C LEU B 57 -5.88 -10.71 1.76
N GLU B 58 -6.04 -12.02 1.62
CA GLU B 58 -6.66 -12.82 2.69
C GLU B 58 -5.81 -12.72 3.95
N ASP B 59 -4.50 -12.77 3.77
CA ASP B 59 -3.57 -12.72 4.89
C ASP B 59 -3.48 -11.36 5.59
N CYS B 60 -4.31 -10.41 5.15
CA CYS B 60 -4.33 -9.10 5.79
C CYS B 60 -5.51 -9.06 6.76
N ALA B 61 -6.40 -10.04 6.65
CA ALA B 61 -7.58 -10.12 7.52
C ALA B 61 -8.32 -8.77 7.57
N PHE B 62 -8.65 -8.25 6.40
CA PHE B 62 -9.35 -6.97 6.29
C PHE B 62 -10.83 -7.09 6.65
N PRO B 63 -11.29 -6.32 7.66
CA PRO B 63 -12.70 -6.41 8.04
C PRO B 63 -13.70 -5.96 6.97
N LEU B 64 -13.27 -5.09 6.06
CA LEU B 64 -14.17 -4.60 5.02
C LEU B 64 -14.19 -5.43 3.74
N LEU B 65 -13.25 -6.36 3.59
CA LEU B 65 -13.21 -7.17 2.39
C LEU B 65 -14.28 -8.24 2.49
N ALA B 66 -15.48 -7.92 2.03
CA ALA B 66 -16.62 -8.83 2.11
C ALA B 66 -16.67 -9.88 1.00
N GLY B 67 -15.83 -9.72 -0.01
CA GLY B 67 -15.81 -10.66 -1.11
C GLY B 67 -14.51 -10.52 -1.88
N LEU B 68 -14.04 -11.63 -2.46
CA LEU B 68 -12.79 -11.63 -3.22
C LEU B 68 -12.88 -12.72 -4.28
N GLU B 69 -12.79 -12.33 -5.55
CA GLU B 69 -12.87 -13.28 -6.65
C GLU B 69 -11.93 -12.89 -7.79
N ALA B 70 -11.11 -13.84 -8.23
CA ALA B 70 -10.19 -13.61 -9.33
C ALA B 70 -10.72 -14.34 -10.56
N THR B 71 -10.55 -13.74 -11.72
CA THR B 71 -11.03 -14.33 -12.97
C THR B 71 -10.24 -13.80 -14.16
N ASP B 72 -10.40 -14.44 -15.32
CA ASP B 72 -9.73 -13.99 -16.54
C ASP B 72 -10.82 -13.59 -17.52
N ASP B 73 -12.05 -13.59 -17.03
CA ASP B 73 -13.21 -13.25 -17.85
C ASP B 73 -13.79 -11.90 -17.44
N PRO B 74 -13.76 -10.92 -18.35
CA PRO B 74 -14.29 -9.57 -18.11
C PRO B 74 -15.75 -9.57 -17.66
N LYS B 75 -16.56 -10.43 -18.27
CA LYS B 75 -17.97 -10.49 -17.93
C LYS B 75 -18.19 -10.97 -16.49
N VAL B 76 -17.22 -11.68 -15.96
CA VAL B 76 -17.31 -12.15 -14.58
C VAL B 76 -16.81 -11.05 -13.64
N ALA B 77 -15.66 -10.47 -13.97
CA ALA B 77 -15.07 -9.41 -13.13
C ALA B 77 -15.93 -8.15 -13.05
N PHE B 78 -16.62 -7.83 -14.14
CA PHE B 78 -17.46 -6.62 -14.18
C PHE B 78 -18.91 -6.85 -13.76
N LYS B 79 -19.27 -8.10 -13.46
CA LYS B 79 -20.63 -8.46 -13.07
C LYS B 79 -21.11 -7.63 -11.87
N ASP B 80 -22.18 -6.87 -12.08
CA ASP B 80 -22.78 -6.00 -11.05
C ASP B 80 -21.77 -5.05 -10.42
N ALA B 81 -20.71 -4.72 -11.14
CA ALA B 81 -19.69 -3.82 -10.60
C ALA B 81 -20.23 -2.41 -10.41
N ASP B 82 -19.89 -1.81 -9.26
CA ASP B 82 -20.28 -0.44 -8.94
C ASP B 82 -19.12 0.46 -9.34
N TYR B 83 -17.92 -0.10 -9.34
CA TYR B 83 -16.71 0.62 -9.70
C TYR B 83 -15.83 -0.30 -10.54
N ALA B 84 -15.13 0.28 -11.52
CA ALA B 84 -14.24 -0.48 -12.37
C ALA B 84 -12.98 0.32 -12.64
N LEU B 85 -11.85 -0.16 -12.13
CA LEU B 85 -10.56 0.49 -12.35
C LEU B 85 -9.82 -0.32 -13.40
N LEU B 86 -9.74 0.22 -14.61
CA LEU B 86 -9.09 -0.47 -15.72
C LEU B 86 -7.62 -0.12 -15.75
N VAL B 87 -6.83 -0.89 -15.00
CA VAL B 87 -5.40 -0.67 -14.90
C VAL B 87 -4.64 -1.45 -15.96
N GLY B 88 -5.14 -2.64 -16.31
CA GLY B 88 -4.47 -3.43 -17.33
C GLY B 88 -4.55 -2.87 -18.74
N ALA B 89 -3.45 -2.92 -19.46
CA ALA B 89 -3.40 -2.43 -20.83
C ALA B 89 -2.47 -3.33 -21.63
N ALA B 90 -2.20 -2.97 -22.87
CA ALA B 90 -1.32 -3.76 -23.72
C ALA B 90 0.12 -3.69 -23.21
N PRO B 91 0.82 -4.84 -23.20
CA PRO B 91 2.21 -4.92 -22.76
C PRO B 91 3.14 -4.31 -23.80
N ARG B 92 4.34 -3.93 -23.39
CA ARG B 92 5.29 -3.35 -24.32
C ARG B 92 6.26 -4.40 -24.84
N LYS B 93 5.80 -5.15 -25.84
CA LYS B 93 6.59 -6.21 -26.45
C LYS B 93 7.66 -5.61 -27.38
N ALA B 94 8.80 -6.30 -27.47
CA ALA B 94 9.89 -5.85 -28.33
C ALA B 94 9.46 -6.00 -29.78
N GLY B 95 9.65 -4.94 -30.57
CA GLY B 95 9.26 -4.98 -31.97
C GLY B 95 7.80 -4.62 -32.14
N MET B 96 7.21 -4.07 -31.09
CA MET B 96 5.80 -3.68 -31.10
C MET B 96 5.70 -2.16 -31.22
N GLU B 97 5.35 -1.69 -32.41
CA GLU B 97 5.22 -0.25 -32.66
C GLU B 97 4.05 0.37 -31.92
N ARG B 98 3.95 1.70 -32.02
CA ARG B 98 2.88 2.46 -31.39
C ARG B 98 1.53 1.94 -31.88
N ARG B 99 1.41 1.81 -33.20
CA ARG B 99 0.18 1.32 -33.82
C ARG B 99 -0.11 -0.11 -33.39
N ASP B 100 0.94 -0.92 -33.25
CA ASP B 100 0.77 -2.31 -32.85
C ASP B 100 0.14 -2.34 -31.46
N LEU B 101 0.63 -1.45 -30.59
CA LEU B 101 0.11 -1.35 -29.24
C LEU B 101 -1.32 -0.80 -29.32
N LEU B 102 -1.50 0.15 -30.23
CA LEU B 102 -2.79 0.80 -30.44
C LEU B 102 -3.91 -0.20 -30.71
N GLN B 103 -3.64 -1.18 -31.57
CA GLN B 103 -4.65 -2.19 -31.88
C GLN B 103 -4.83 -3.22 -30.77
N VAL B 104 -3.78 -3.47 -30.00
CA VAL B 104 -3.88 -4.42 -28.89
C VAL B 104 -4.78 -3.79 -27.83
N ASN B 105 -4.52 -2.54 -27.49
CA ASN B 105 -5.33 -1.81 -26.52
C ASN B 105 -6.74 -1.65 -27.07
N GLY B 106 -6.83 -1.46 -28.39
CA GLY B 106 -8.12 -1.29 -29.03
C GLY B 106 -9.00 -2.50 -28.73
N LYS B 107 -8.43 -3.68 -28.82
CA LYS B 107 -9.17 -4.91 -28.57
C LYS B 107 -9.54 -5.02 -27.09
N ILE B 108 -8.58 -4.73 -26.22
CA ILE B 108 -8.80 -4.82 -24.77
C ILE B 108 -9.95 -3.93 -24.31
N PHE B 109 -9.86 -2.64 -24.61
CA PHE B 109 -10.88 -1.70 -24.19
C PHE B 109 -12.20 -1.78 -24.94
N THR B 110 -12.19 -2.34 -26.15
CA THR B 110 -13.42 -2.50 -26.90
C THR B 110 -14.18 -3.62 -26.18
N GLU B 111 -13.44 -4.69 -25.85
CA GLU B 111 -14.00 -5.84 -25.18
C GLU B 111 -14.49 -5.49 -23.78
N GLN B 112 -13.63 -4.82 -23.02
CA GLN B 112 -13.99 -4.44 -21.65
C GLN B 112 -15.11 -3.42 -21.62
N GLY B 113 -15.11 -2.50 -22.59
CA GLY B 113 -16.17 -1.51 -22.65
C GLY B 113 -17.49 -2.23 -22.87
N ARG B 114 -17.49 -3.20 -23.77
CA ARG B 114 -18.70 -3.97 -24.06
C ARG B 114 -19.11 -4.83 -22.88
N ALA B 115 -18.14 -5.38 -22.17
CA ALA B 115 -18.42 -6.21 -21.01
C ALA B 115 -19.16 -5.37 -19.97
N LEU B 116 -18.61 -4.18 -19.70
CA LEU B 116 -19.21 -3.27 -18.73
C LEU B 116 -20.68 -2.95 -19.06
N ALA B 117 -20.96 -2.64 -20.31
CA ALA B 117 -22.32 -2.31 -20.72
C ALA B 117 -23.25 -3.50 -20.56
N GLU B 118 -22.71 -4.70 -20.72
CA GLU B 118 -23.52 -5.90 -20.61
C GLU B 118 -23.80 -6.40 -19.20
N VAL B 119 -22.80 -6.40 -18.32
CA VAL B 119 -22.99 -6.94 -16.98
C VAL B 119 -22.80 -6.06 -15.74
N ALA B 120 -22.19 -4.88 -15.88
CA ALA B 120 -21.97 -4.03 -14.71
C ALA B 120 -23.21 -3.22 -14.36
N LYS B 121 -23.19 -2.58 -13.19
CA LYS B 121 -24.31 -1.74 -12.79
C LYS B 121 -24.39 -0.66 -13.86
N LYS B 122 -25.59 -0.19 -14.18
CA LYS B 122 -25.75 0.84 -15.19
C LYS B 122 -25.06 2.14 -14.83
N ASP B 123 -24.87 2.37 -13.54
CA ASP B 123 -24.22 3.60 -13.10
C ASP B 123 -22.81 3.29 -12.61
N VAL B 124 -22.19 2.27 -13.17
CA VAL B 124 -20.84 1.89 -12.77
C VAL B 124 -19.86 3.04 -13.02
N LYS B 125 -19.03 3.35 -12.03
CA LYS B 125 -18.04 4.41 -12.16
C LYS B 125 -16.75 3.79 -12.69
N VAL B 126 -16.30 4.27 -13.84
CA VAL B 126 -15.10 3.72 -14.49
C VAL B 126 -13.91 4.66 -14.56
N LEU B 127 -12.74 4.15 -14.17
CA LEU B 127 -11.50 4.91 -14.23
C LEU B 127 -10.49 4.13 -15.05
N VAL B 128 -9.96 4.75 -16.11
CA VAL B 128 -8.96 4.09 -16.92
C VAL B 128 -7.58 4.59 -16.50
N VAL B 129 -6.71 3.66 -16.13
CA VAL B 129 -5.35 3.98 -15.72
C VAL B 129 -4.36 3.50 -16.78
N GLY B 130 -4.62 2.32 -17.33
CA GLY B 130 -3.75 1.76 -18.36
C GLY B 130 -3.59 2.71 -19.53
N ASN B 131 -2.34 2.97 -19.92
CA ASN B 131 -2.05 3.87 -21.02
C ASN B 131 -2.20 3.30 -22.42
N PRO B 132 -2.51 4.18 -23.41
CA PRO B 132 -2.72 5.62 -23.20
C PRO B 132 -4.10 5.82 -22.57
N ALA B 133 -4.11 6.24 -21.30
CA ALA B 133 -5.34 6.43 -20.55
C ALA B 133 -6.51 7.16 -21.21
N ASN B 134 -6.31 8.41 -21.62
CA ASN B 134 -7.39 9.19 -22.22
C ASN B 134 -8.02 8.52 -23.43
N THR B 135 -7.19 8.04 -24.35
CA THR B 135 -7.70 7.40 -25.55
C THR B 135 -8.30 6.02 -25.27
N ASN B 136 -7.74 5.29 -24.31
CA ASN B 136 -8.29 3.97 -23.98
C ASN B 136 -9.69 4.18 -23.41
N ALA B 137 -9.84 5.24 -22.63
CA ALA B 137 -11.13 5.57 -22.02
C ALA B 137 -12.15 5.89 -23.12
N LEU B 138 -11.68 6.57 -24.17
CA LEU B 138 -12.53 6.92 -25.31
C LEU B 138 -13.02 5.64 -25.98
N ILE B 139 -12.08 4.72 -26.22
CA ILE B 139 -12.40 3.46 -26.84
C ILE B 139 -13.46 2.73 -26.02
N ALA B 140 -13.24 2.67 -24.71
CA ALA B 140 -14.15 1.99 -23.81
C ALA B 140 -15.58 2.53 -23.82
N TYR B 141 -15.75 3.83 -23.57
CA TYR B 141 -17.11 4.37 -23.52
C TYR B 141 -17.82 4.36 -24.88
N LYS B 142 -17.06 4.50 -25.95
CA LYS B 142 -17.64 4.46 -27.30
C LYS B 142 -18.16 3.06 -27.57
N ASN B 143 -17.53 2.06 -26.94
CA ASN B 143 -17.93 0.67 -27.11
C ASN B 143 -18.80 0.18 -25.96
N ALA B 144 -19.33 1.13 -25.19
CA ALA B 144 -20.19 0.82 -24.06
C ALA B 144 -21.53 1.51 -24.27
N PRO B 145 -22.17 1.29 -25.43
CA PRO B 145 -23.46 1.92 -25.68
C PRO B 145 -24.44 1.44 -24.63
N GLY B 146 -25.25 2.36 -24.12
CA GLY B 146 -26.21 2.01 -23.10
C GLY B 146 -25.73 2.54 -21.76
N LEU B 147 -24.47 2.95 -21.68
CA LEU B 147 -23.93 3.48 -20.44
C LEU B 147 -23.60 4.96 -20.59
N ASN B 148 -23.69 5.68 -19.48
CA ASN B 148 -23.40 7.11 -19.44
C ASN B 148 -21.93 7.38 -19.73
N PRO B 149 -21.63 8.07 -20.84
CA PRO B 149 -20.24 8.38 -21.20
C PRO B 149 -19.48 9.09 -20.09
N ARG B 150 -20.15 9.96 -19.34
CA ARG B 150 -19.49 10.69 -18.26
C ARG B 150 -19.07 9.79 -17.10
N ASN B 151 -19.47 8.53 -17.12
CA ASN B 151 -19.06 7.61 -16.07
C ASN B 151 -17.75 6.96 -16.45
N PHE B 152 -17.21 7.35 -17.60
CA PHE B 152 -15.93 6.85 -18.08
C PHE B 152 -14.90 7.96 -17.97
N THR B 153 -13.88 7.73 -17.14
CA THR B 153 -12.84 8.73 -16.93
C THR B 153 -11.43 8.16 -17.05
N ALA B 154 -10.44 9.04 -17.16
CA ALA B 154 -9.05 8.66 -17.27
C ALA B 154 -8.27 9.39 -16.18
N MET B 155 -7.18 8.79 -15.72
CA MET B 155 -6.43 9.39 -14.64
C MET B 155 -5.29 10.36 -14.95
N THR B 156 -5.42 11.57 -14.42
CA THR B 156 -4.40 12.60 -14.54
C THR B 156 -4.10 13.04 -13.10
N ARG B 157 -4.72 12.35 -12.14
CA ARG B 157 -4.53 12.67 -10.74
C ARG B 157 -3.09 12.53 -10.27
N LEU B 158 -2.33 11.62 -10.88
CA LEU B 158 -0.93 11.47 -10.48
C LEU B 158 -0.19 12.74 -10.92
N ASP B 159 -0.48 13.19 -12.13
CA ASP B 159 0.15 14.40 -12.66
C ASP B 159 -0.24 15.54 -11.71
N HIS B 160 -1.52 15.56 -11.35
CA HIS B 160 -2.08 16.56 -10.46
C HIS B 160 -1.34 16.59 -9.12
N ASN B 161 -1.20 15.42 -8.49
CA ASN B 161 -0.51 15.37 -7.20
C ASN B 161 0.96 15.74 -7.34
N ARG B 162 1.58 15.35 -8.45
CA ARG B 162 2.98 15.67 -8.68
C ARG B 162 3.17 17.19 -8.75
N ALA B 163 2.20 17.87 -9.37
CA ALA B 163 2.25 19.32 -9.50
C ALA B 163 2.12 19.96 -8.12
N LYS B 164 1.19 19.46 -7.31
CA LYS B 164 1.01 20.00 -5.96
C LYS B 164 2.29 19.81 -5.16
N ALA B 165 2.90 18.63 -5.29
CA ALA B 165 4.12 18.32 -4.57
C ALA B 165 5.24 19.29 -4.93
N GLN B 166 5.42 19.54 -6.24
CA GLN B 166 6.46 20.46 -6.68
C GLN B 166 6.21 21.89 -6.18
N LEU B 167 4.95 22.33 -6.23
CA LEU B 167 4.63 23.68 -5.77
C LEU B 167 4.91 23.83 -4.28
N ALA B 168 4.56 22.80 -3.51
CA ALA B 168 4.78 22.80 -2.07
C ALA B 168 6.29 22.88 -1.79
N LYS B 169 7.05 22.06 -2.52
CA LYS B 169 8.50 22.01 -2.37
C LYS B 169 9.13 23.39 -2.59
N LYS B 170 8.82 23.98 -3.73
CA LYS B 170 9.34 25.29 -4.11
C LYS B 170 9.01 26.40 -3.09
N THR B 171 7.76 26.44 -2.65
CA THR B 171 7.31 27.47 -1.71
C THR B 171 7.63 27.18 -0.24
N GLY B 172 8.13 25.97 0.04
CA GLY B 172 8.45 25.61 1.41
C GLY B 172 7.23 25.57 2.31
N THR B 173 6.12 25.11 1.75
CA THR B 173 4.87 25.01 2.50
C THR B 173 4.30 23.61 2.46
N GLY B 174 3.42 23.30 3.42
CA GLY B 174 2.81 21.99 3.46
C GLY B 174 1.94 21.76 2.23
N VAL B 175 2.04 20.57 1.64
CA VAL B 175 1.25 20.26 0.45
C VAL B 175 -0.24 20.28 0.80
N ASP B 176 -0.55 20.14 2.08
CA ASP B 176 -1.94 20.15 2.52
C ASP B 176 -2.52 21.57 2.38
N ARG B 177 -1.66 22.55 2.15
CA ARG B 177 -2.08 23.93 1.98
C ARG B 177 -2.18 24.36 0.51
N ILE B 178 -1.96 23.41 -0.40
CA ILE B 178 -2.03 23.70 -1.82
C ILE B 178 -3.43 23.38 -2.32
N ARG B 179 -4.10 24.35 -2.93
CA ARG B 179 -5.45 24.14 -3.43
C ARG B 179 -5.59 24.63 -4.86
N ARG B 180 -6.62 24.14 -5.53
CA ARG B 180 -6.94 24.54 -6.89
C ARG B 180 -5.85 24.33 -7.94
N MET B 181 -5.18 23.19 -7.86
CA MET B 181 -4.17 22.84 -8.83
C MET B 181 -4.97 22.26 -9.98
N THR B 182 -4.47 22.43 -11.20
CA THR B 182 -5.14 21.87 -12.36
C THR B 182 -4.15 21.37 -13.39
N VAL B 183 -4.42 20.18 -13.92
CA VAL B 183 -3.60 19.62 -14.99
C VAL B 183 -4.62 19.42 -16.10
N TRP B 184 -4.45 20.14 -17.19
CA TRP B 184 -5.37 20.06 -18.31
C TRP B 184 -4.92 19.13 -19.42
N GLY B 185 -5.90 18.52 -20.09
CA GLY B 185 -5.60 17.69 -21.22
C GLY B 185 -5.27 16.21 -21.13
N ASN B 186 -4.28 15.82 -21.93
CA ASN B 186 -3.85 14.44 -22.05
C ASN B 186 -2.86 14.00 -20.97
N HIS B 187 -2.93 12.74 -20.57
CA HIS B 187 -1.96 12.25 -19.61
C HIS B 187 -0.80 11.86 -20.53
N SER B 188 0.04 12.84 -20.87
CA SER B 188 1.17 12.63 -21.76
C SER B 188 2.10 13.82 -21.59
N SER B 189 3.12 13.87 -22.45
CA SER B 189 4.09 14.94 -22.38
C SER B 189 3.49 16.32 -22.67
N THR B 190 2.28 16.37 -23.24
CA THR B 190 1.66 17.67 -23.53
C THR B 190 0.74 18.16 -22.42
N MET B 191 0.64 17.39 -21.34
CA MET B 191 -0.20 17.77 -20.20
C MET B 191 0.13 19.21 -19.81
N PHE B 192 -0.87 19.94 -19.33
CA PHE B 192 -0.64 21.33 -18.93
C PHE B 192 -0.97 21.61 -17.46
N PRO B 193 0.06 21.68 -16.61
CA PRO B 193 -0.15 21.96 -15.18
C PRO B 193 -0.34 23.47 -15.05
N ASP B 194 -1.52 23.87 -14.59
CA ASP B 194 -1.94 25.26 -14.46
C ASP B 194 -1.79 25.87 -13.07
N LEU B 195 -0.96 26.91 -12.95
CA LEU B 195 -0.74 27.59 -11.68
C LEU B 195 -1.47 28.93 -11.60
N PHE B 196 -2.17 29.28 -12.66
CA PHE B 196 -2.87 30.56 -12.69
C PHE B 196 -4.03 30.67 -11.71
N HIS B 197 -4.55 29.54 -11.25
CA HIS B 197 -5.66 29.57 -10.31
C HIS B 197 -5.33 28.85 -9.01
N ALA B 198 -4.12 28.29 -8.94
CA ALA B 198 -3.69 27.57 -7.75
C ALA B 198 -3.40 28.52 -6.60
N GLU B 199 -3.61 28.04 -5.37
CA GLU B 199 -3.37 28.86 -4.19
C GLU B 199 -2.55 28.13 -3.13
N VAL B 200 -1.65 28.88 -2.50
CA VAL B 200 -0.79 28.37 -1.44
C VAL B 200 -1.22 29.09 -0.17
N ASP B 201 -1.92 28.37 0.69
CA ASP B 201 -2.42 28.96 1.93
C ASP B 201 -3.32 30.15 1.60
N GLY B 202 -4.08 30.02 0.52
CA GLY B 202 -4.98 31.09 0.13
C GLY B 202 -4.39 32.14 -0.78
N ARG B 203 -3.07 32.15 -0.93
CA ARG B 203 -2.43 33.14 -1.80
C ARG B 203 -2.17 32.61 -3.20
N PRO B 204 -2.39 33.44 -4.23
CA PRO B 204 -2.16 33.02 -5.62
C PRO B 204 -0.73 32.51 -5.76
N ALA B 205 -0.59 31.32 -6.32
CA ALA B 205 0.72 30.68 -6.50
C ALA B 205 1.73 31.56 -7.22
N LEU B 206 1.31 32.24 -8.28
CA LEU B 206 2.21 33.08 -9.05
C LEU B 206 2.67 34.34 -8.33
N GLU B 207 2.26 34.48 -7.08
CA GLU B 207 2.69 35.62 -6.26
C GLU B 207 3.85 35.10 -5.40
N LEU B 208 4.05 33.79 -5.40
CA LEU B 208 5.11 33.17 -4.62
C LEU B 208 6.23 32.60 -5.48
N VAL B 209 5.93 32.34 -6.75
CA VAL B 209 6.91 31.83 -7.69
C VAL B 209 6.79 32.64 -8.98
N ASP B 210 7.88 32.78 -9.73
CA ASP B 210 7.86 33.57 -10.95
C ASP B 210 7.50 32.76 -12.19
N MET B 211 7.20 33.45 -13.28
CA MET B 211 6.83 32.82 -14.54
C MET B 211 7.96 32.01 -15.17
N GLU B 212 9.20 32.46 -14.99
CA GLU B 212 10.33 31.74 -15.57
C GLU B 212 10.49 30.37 -14.92
N TRP B 213 10.35 30.31 -13.60
CA TRP B 213 10.46 29.04 -12.89
C TRP B 213 9.30 28.14 -13.33
N TYR B 214 8.11 28.73 -13.35
CA TYR B 214 6.90 28.01 -13.75
C TYR B 214 7.05 27.36 -15.12
N GLU B 215 7.45 28.15 -16.12
CA GLU B 215 7.59 27.63 -17.47
C GLU B 215 8.81 26.75 -17.73
N LYS B 216 9.99 27.17 -17.29
CA LYS B 216 11.19 26.40 -17.55
C LYS B 216 11.56 25.32 -16.53
N VAL B 217 10.95 25.35 -15.35
CA VAL B 217 11.27 24.34 -14.33
C VAL B 217 10.07 23.48 -13.92
N PHE B 218 9.04 24.14 -13.42
CA PHE B 218 7.83 23.44 -12.95
C PHE B 218 7.20 22.52 -13.98
N ILE B 219 6.83 23.07 -15.14
CA ILE B 219 6.18 22.26 -16.16
C ILE B 219 6.98 21.05 -16.62
N PRO B 220 8.25 21.24 -17.03
CA PRO B 220 9.06 20.11 -17.48
C PRO B 220 9.30 19.06 -16.39
N THR B 221 9.49 19.51 -15.16
CA THR B 221 9.73 18.59 -14.06
C THR B 221 8.51 17.72 -13.78
N VAL B 222 7.32 18.31 -13.80
CA VAL B 222 6.11 17.54 -13.58
C VAL B 222 5.95 16.53 -14.72
N ALA B 223 6.21 16.98 -15.94
CA ALA B 223 6.09 16.13 -17.11
C ALA B 223 7.10 14.98 -17.15
N GLN B 224 8.29 15.20 -16.59
CA GLN B 224 9.35 14.19 -16.59
C GLN B 224 9.39 13.35 -15.31
N ARG B 225 8.59 13.71 -14.32
CA ARG B 225 8.59 13.01 -13.04
C ARG B 225 8.53 11.48 -13.13
N GLY B 226 7.69 10.96 -14.03
CA GLY B 226 7.59 9.53 -14.19
C GLY B 226 8.93 8.90 -14.57
N ALA B 227 9.66 9.58 -15.44
CA ALA B 227 10.97 9.10 -15.87
C ALA B 227 11.96 9.21 -14.70
N ALA B 228 11.80 10.24 -13.89
CA ALA B 228 12.70 10.44 -12.75
C ALA B 228 12.58 9.24 -11.80
N ILE B 229 11.37 8.77 -11.58
CA ILE B 229 11.14 7.63 -10.70
C ILE B 229 11.85 6.40 -11.24
N ILE B 230 11.64 6.14 -12.53
CA ILE B 230 12.25 5.00 -13.18
C ILE B 230 13.79 5.07 -13.10
N GLN B 231 14.35 6.23 -13.37
CA GLN B 231 15.80 6.38 -13.31
C GLN B 231 16.35 6.19 -11.90
N ALA B 232 15.55 6.53 -10.89
CA ALA B 232 15.99 6.40 -9.50
C ALA B 232 15.77 4.99 -8.95
N ARG B 233 14.55 4.49 -9.07
CA ARG B 233 14.19 3.16 -8.55
C ARG B 233 14.47 1.99 -9.50
N GLY B 234 14.50 2.26 -10.79
CA GLY B 234 14.72 1.19 -11.74
C GLY B 234 13.40 0.47 -11.96
N ALA B 235 12.31 1.13 -11.56
CA ALA B 235 10.97 0.60 -11.70
C ALA B 235 10.00 1.78 -11.78
N SER B 236 8.81 1.55 -12.33
CA SER B 236 7.82 2.60 -12.46
C SER B 236 7.17 3.00 -11.13
N SER B 237 6.48 4.14 -11.14
CA SER B 237 5.83 4.71 -9.96
C SER B 237 4.51 4.04 -9.60
N ALA B 238 4.55 2.76 -9.29
CA ALA B 238 3.36 1.99 -8.94
C ALA B 238 2.62 2.45 -7.69
N ALA B 239 3.36 2.70 -6.61
CA ALA B 239 2.74 3.12 -5.36
C ALA B 239 2.06 4.48 -5.46
N SER B 240 2.72 5.46 -6.07
CA SER B 240 2.11 6.78 -6.21
C SER B 240 1.00 6.75 -7.27
N ALA B 241 1.13 5.89 -8.27
CA ALA B 241 0.07 5.80 -9.28
C ALA B 241 -1.16 5.19 -8.59
N ALA B 242 -0.95 4.17 -7.78
CA ALA B 242 -2.03 3.51 -7.06
C ALA B 242 -2.73 4.53 -6.16
N ASN B 243 -1.94 5.35 -5.48
CA ASN B 243 -2.48 6.37 -4.60
C ASN B 243 -3.37 7.34 -5.38
N ALA B 244 -2.91 7.70 -6.58
CA ALA B 244 -3.67 8.63 -7.43
C ALA B 244 -5.00 8.03 -7.88
N ALA B 245 -4.99 6.74 -8.21
CA ALA B 245 -6.21 6.06 -8.64
C ALA B 245 -7.20 6.03 -7.50
N ILE B 246 -6.69 5.78 -6.29
CA ILE B 246 -7.53 5.74 -5.10
C ILE B 246 -8.18 7.11 -4.86
N GLU B 247 -7.38 8.17 -4.90
CA GLU B 247 -7.91 9.52 -4.70
C GLU B 247 -8.90 9.92 -5.80
N HIS B 248 -8.61 9.54 -7.04
CA HIS B 248 -9.49 9.85 -8.17
C HIS B 248 -10.89 9.27 -7.91
N ILE B 249 -10.93 7.99 -7.52
CA ILE B 249 -12.21 7.34 -7.24
C ILE B 249 -12.83 7.91 -5.96
N ARG B 250 -12.00 8.04 -4.92
CA ARG B 250 -12.45 8.55 -3.63
C ARG B 250 -13.12 9.92 -3.71
N ASP B 251 -12.43 10.88 -4.32
CA ASP B 251 -12.99 12.23 -4.42
C ASP B 251 -14.24 12.26 -5.28
N TRP B 252 -14.27 11.42 -6.29
CA TRP B 252 -15.40 11.30 -7.21
C TRP B 252 -16.62 10.82 -6.44
N ALA B 253 -16.44 9.76 -5.64
CA ALA B 253 -17.52 9.17 -4.88
C ALA B 253 -17.92 9.93 -3.60
N LEU B 254 -16.93 10.32 -2.82
CA LEU B 254 -17.18 11.00 -1.56
C LEU B 254 -17.23 12.53 -1.63
N GLY B 255 -16.79 13.09 -2.75
CA GLY B 255 -16.82 14.53 -2.92
C GLY B 255 -15.52 15.27 -2.69
N THR B 256 -15.38 16.43 -3.32
CA THR B 256 -14.18 17.24 -3.17
C THR B 256 -14.35 18.27 -2.05
N PRO B 257 -13.23 18.77 -1.49
CA PRO B 257 -13.29 19.75 -0.40
C PRO B 257 -13.93 21.08 -0.83
N GLU B 258 -14.63 21.72 0.08
CA GLU B 258 -15.26 22.99 -0.22
C GLU B 258 -14.16 23.99 -0.63
N GLY B 259 -14.40 24.71 -1.72
CA GLY B 259 -13.43 25.69 -2.19
C GLY B 259 -12.25 25.14 -2.97
N ASP B 260 -12.21 23.82 -3.17
CA ASP B 260 -11.11 23.19 -3.90
C ASP B 260 -11.68 22.42 -5.10
N TRP B 261 -10.79 21.84 -5.89
CA TRP B 261 -11.19 21.04 -7.04
C TRP B 261 -10.03 20.13 -7.39
N VAL B 262 -10.28 19.14 -8.24
CA VAL B 262 -9.24 18.20 -8.63
C VAL B 262 -9.22 18.00 -10.13
N SER B 263 -8.19 17.32 -10.62
CA SER B 263 -8.08 17.07 -12.05
C SER B 263 -8.62 15.68 -12.39
N MET B 264 -9.45 15.63 -13.43
CA MET B 264 -10.05 14.38 -13.91
C MET B 264 -10.20 14.48 -15.43
N ALA B 265 -9.74 13.47 -16.16
CA ALA B 265 -9.88 13.46 -17.61
C ALA B 265 -11.25 12.86 -17.87
N VAL B 266 -12.16 13.67 -18.42
CA VAL B 266 -13.51 13.19 -18.67
C VAL B 266 -13.96 13.56 -20.09
N PRO B 267 -15.02 12.89 -20.59
CA PRO B 267 -15.50 13.19 -21.94
C PRO B 267 -15.89 14.65 -22.05
N SER B 268 -15.21 15.39 -22.92
CA SER B 268 -15.48 16.80 -23.09
C SER B 268 -16.87 17.08 -23.65
N GLN B 269 -17.50 18.12 -23.14
CA GLN B 269 -18.82 18.52 -23.62
C GLN B 269 -18.72 19.97 -24.08
N GLY B 270 -17.52 20.34 -24.57
CA GLY B 270 -17.31 21.68 -25.07
C GLY B 270 -16.83 22.71 -24.07
N GLU B 271 -16.61 22.31 -22.82
CA GLU B 271 -16.16 23.24 -21.81
C GLU B 271 -14.84 23.87 -22.27
N TYR B 272 -14.74 25.19 -22.12
CA TYR B 272 -13.54 25.94 -22.52
C TYR B 272 -13.22 25.77 -24.01
N GLY B 273 -14.23 25.42 -24.80
CA GLY B 273 -14.02 25.25 -26.22
C GLY B 273 -13.35 23.94 -26.64
N ILE B 274 -13.03 23.09 -25.67
CA ILE B 274 -12.39 21.81 -25.97
C ILE B 274 -13.34 20.93 -26.79
N PRO B 275 -12.85 20.38 -27.91
CA PRO B 275 -13.65 19.50 -28.77
C PRO B 275 -14.41 18.44 -28.00
N GLU B 276 -15.64 18.17 -28.41
CA GLU B 276 -16.50 17.18 -27.76
C GLU B 276 -15.98 15.76 -27.90
N GLY B 277 -16.35 14.91 -26.95
CA GLY B 277 -15.98 13.51 -27.01
C GLY B 277 -14.64 13.06 -26.47
N ILE B 278 -13.58 13.76 -26.82
CA ILE B 278 -12.27 13.35 -26.33
C ILE B 278 -12.23 13.43 -24.80
N VAL B 279 -11.51 12.49 -24.19
CA VAL B 279 -11.38 12.45 -22.74
C VAL B 279 -10.26 13.43 -22.40
N TYR B 280 -10.65 14.58 -21.88
CA TYR B 280 -9.74 15.68 -21.57
C TYR B 280 -9.73 16.01 -20.08
N SER B 281 -8.55 16.25 -19.52
CA SER B 281 -8.46 16.56 -18.10
C SER B 281 -8.87 18.01 -17.86
N PHE B 282 -9.81 18.18 -16.95
CA PHE B 282 -10.37 19.48 -16.57
C PHE B 282 -10.34 19.61 -15.05
N PRO B 283 -10.49 20.83 -14.54
CA PRO B 283 -10.52 21.02 -13.09
C PRO B 283 -11.98 20.66 -12.81
N VAL B 284 -12.24 19.83 -11.79
CA VAL B 284 -13.61 19.44 -11.51
C VAL B 284 -13.90 19.35 -10.01
N THR B 285 -15.17 19.51 -9.66
CA THR B 285 -15.60 19.38 -8.26
C THR B 285 -16.50 18.15 -8.31
N ALA B 286 -16.68 17.48 -7.17
CA ALA B 286 -17.53 16.28 -7.15
C ALA B 286 -18.43 16.24 -5.92
N LYS B 287 -19.59 15.63 -6.08
CA LYS B 287 -20.56 15.50 -4.99
C LYS B 287 -21.58 14.43 -5.36
N ASP B 288 -21.89 13.56 -4.40
CA ASP B 288 -22.85 12.47 -4.58
C ASP B 288 -22.52 11.54 -5.76
N GLY B 289 -21.24 11.27 -5.97
CA GLY B 289 -20.84 10.37 -7.03
C GLY B 289 -20.85 10.96 -8.44
N ALA B 290 -21.11 12.25 -8.53
CA ALA B 290 -21.14 12.93 -9.82
C ALA B 290 -20.17 14.10 -9.78
N TYR B 291 -19.58 14.42 -10.92
CA TYR B 291 -18.64 15.52 -10.98
C TYR B 291 -19.11 16.62 -11.93
N ARG B 292 -18.57 17.82 -11.75
CA ARG B 292 -18.93 18.95 -12.58
C ARG B 292 -17.68 19.73 -12.94
N VAL B 293 -17.49 19.98 -14.23
CA VAL B 293 -16.33 20.74 -14.68
C VAL B 293 -16.42 22.14 -14.12
N VAL B 294 -15.30 22.65 -13.63
CA VAL B 294 -15.25 24.00 -13.09
C VAL B 294 -15.10 24.96 -14.26
N GLU B 295 -16.20 25.66 -14.60
CA GLU B 295 -16.14 26.60 -15.71
C GLU B 295 -16.07 28.04 -15.18
N GLY B 296 -15.83 28.98 -16.08
CA GLY B 296 -15.74 30.38 -15.67
C GLY B 296 -14.33 30.86 -15.34
N LEU B 297 -13.35 29.96 -15.42
CA LEU B 297 -11.98 30.35 -15.12
C LEU B 297 -11.37 31.17 -16.24
N GLU B 298 -10.65 32.22 -15.89
CA GLU B 298 -10.02 33.06 -16.89
C GLU B 298 -8.84 32.30 -17.48
N ILE B 299 -8.78 32.23 -18.80
CA ILE B 299 -7.70 31.53 -19.49
C ILE B 299 -6.89 32.52 -20.33
N ASN B 300 -5.65 32.79 -19.92
CA ASN B 300 -4.82 33.72 -20.67
C ASN B 300 -4.14 33.02 -21.84
N GLU B 301 -3.45 33.79 -22.68
CA GLU B 301 -2.77 33.24 -23.87
C GLU B 301 -1.84 32.06 -23.56
N PHE B 302 -1.05 32.20 -22.50
CA PHE B 302 -0.11 31.16 -22.10
C PHE B 302 -0.84 29.84 -21.90
N ALA B 303 -1.92 29.88 -21.12
CA ALA B 303 -2.71 28.69 -20.84
C ALA B 303 -3.44 28.17 -22.08
N ARG B 304 -4.13 29.06 -22.77
CA ARG B 304 -4.88 28.69 -23.96
C ARG B 304 -4.04 27.90 -24.96
N LYS B 305 -2.84 28.39 -25.26
CA LYS B 305 -1.97 27.72 -26.22
C LYS B 305 -1.63 26.30 -25.80
N ARG B 306 -1.29 26.11 -24.52
CA ARG B 306 -0.94 24.79 -24.03
C ARG B 306 -2.16 23.88 -23.99
N MET B 307 -3.32 24.46 -23.68
CA MET B 307 -4.57 23.69 -23.64
C MET B 307 -4.93 23.21 -25.04
N GLU B 308 -4.71 24.07 -26.04
CA GLU B 308 -5.02 23.71 -27.42
C GLU B 308 -4.05 22.66 -27.96
N ILE B 309 -2.77 22.79 -27.60
CA ILE B 309 -1.77 21.83 -28.05
C ILE B 309 -2.12 20.41 -27.58
N THR B 310 -2.46 20.27 -26.30
CA THR B 310 -2.79 18.95 -25.78
C THR B 310 -4.13 18.45 -26.34
N ALA B 311 -5.04 19.38 -26.62
CA ALA B 311 -6.33 19.01 -27.18
C ALA B 311 -6.11 18.43 -28.58
N GLN B 312 -5.21 19.05 -29.34
CA GLN B 312 -4.91 18.60 -30.69
C GLN B 312 -4.25 17.23 -30.68
N GLU B 313 -3.39 16.98 -29.69
CA GLU B 313 -2.74 15.68 -29.61
C GLU B 313 -3.80 14.61 -29.39
N LEU B 314 -4.79 14.92 -28.55
CA LEU B 314 -5.89 13.99 -28.26
C LEU B 314 -6.77 13.78 -29.49
N LEU B 315 -7.00 14.85 -30.26
CA LEU B 315 -7.79 14.73 -31.47
C LEU B 315 -7.06 13.78 -32.41
N ASP B 316 -5.74 13.95 -32.51
CA ASP B 316 -4.91 13.10 -33.36
C ASP B 316 -4.98 11.65 -32.92
N GLU B 317 -4.93 11.42 -31.62
CA GLU B 317 -5.03 10.06 -31.09
C GLU B 317 -6.38 9.48 -31.47
N MET B 318 -7.42 10.30 -31.33
CA MET B 318 -8.77 9.85 -31.66
C MET B 318 -8.83 9.53 -33.15
N GLU B 319 -8.20 10.37 -33.95
CA GLU B 319 -8.15 10.19 -35.39
C GLU B 319 -7.59 8.82 -35.72
N GLN B 320 -6.46 8.48 -35.09
CA GLN B 320 -5.80 7.20 -35.31
C GLN B 320 -6.73 6.02 -35.01
N VAL B 321 -7.27 5.97 -33.80
CA VAL B 321 -8.16 4.88 -33.42
C VAL B 321 -9.41 4.79 -34.29
N LYS B 322 -9.91 5.95 -34.72
CA LYS B 322 -11.10 5.98 -35.56
C LYS B 322 -10.79 5.40 -36.95
N ALA B 323 -9.58 5.64 -37.43
CA ALA B 323 -9.15 5.13 -38.73
C ALA B 323 -9.00 3.61 -38.64
N LEU B 324 -8.71 3.13 -37.44
CA LEU B 324 -8.55 1.69 -37.20
C LEU B 324 -9.92 1.05 -37.00
N GLY B 325 -10.97 1.87 -37.09
CA GLY B 325 -12.31 1.38 -36.92
C GLY B 325 -12.66 0.97 -35.50
N LEU B 326 -11.83 1.36 -34.54
CA LEU B 326 -12.07 1.02 -33.14
C LEU B 326 -13.29 1.74 -32.59
N ILE B 327 -13.60 2.89 -33.19
CA ILE B 327 -14.76 3.69 -32.78
C ILE B 327 -15.39 4.31 -34.02
PA NDP C . 14.33 -6.94 0.20
O1A NDP C . 13.59 -6.45 -0.95
O2A NDP C . 15.32 -7.98 -0.13
O5B NDP C . 15.06 -5.78 0.89
C5B NDP C . 15.17 -5.69 2.41
C4B NDP C . 16.49 -4.90 2.74
O4B NDP C . 17.61 -5.69 3.51
C3B NDP C . 17.25 -4.40 1.40
O3B NDP C . 16.59 -3.14 1.02
C2B NDP C . 18.69 -4.27 1.98
O2B NDP C . 18.72 -3.08 2.89
C1B NDP C . 18.81 -5.61 2.72
N9A NDP C . 18.87 -6.88 1.92
O3 NDP C . 13.30 -7.40 1.30
PN NDP C . 11.88 -7.37 2.02
O1N NDP C . 11.08 -8.45 1.29
O2N NDP C . 11.43 -6.14 2.10
O5D NDP C . 12.29 -8.04 3.48
C5D NDP C . 12.96 -9.27 3.57
C4D NDP C . 13.18 -9.33 5.11
O4D NDP C . 11.96 -9.29 5.92
C3D NDP C . 13.90 -10.65 5.35
O3D NDP C . 14.75 -10.37 6.45
C2D NDP C . 12.73 -11.57 5.61
O2D NDP C . 13.20 -12.78 6.18
C1D NDP C . 11.85 -10.69 6.54
N1N NDP C . 10.41 -10.97 6.50
C2N NDP C . 9.82 -11.09 7.79
C3N NDP C . 8.52 -11.37 7.97
C7N NDP C . 7.85 -11.50 9.33
O7N NDP C . 6.67 -11.75 9.43
N7N NDP C . 8.73 -11.31 10.40
C4N NDP C . 7.46 -11.58 6.75
C5N NDP C . 8.27 -11.42 5.41
C6N NDP C . 9.58 -11.14 5.31
P2B NDP C . 19.85 -2.04 2.60
O1X NDP C . 20.16 -1.96 1.10
O2X NDP C . 19.33 -0.82 3.16
O3X NDP C . 21.11 -2.58 3.27
PA NDP D . 2.41 -4.13 -15.18
O1A NDP D . 3.08 -4.71 -14.03
O2A NDP D . 3.15 -4.29 -16.47
O5B NDP D . 1.00 -4.71 -15.34
C5B NDP D . 0.43 -5.00 -16.74
C4B NDP D . -0.74 -5.98 -16.46
O4B NDP D . -1.78 -6.21 -17.61
C3B NDP D . -0.19 -7.45 -16.17
O3B NDP D . 0.20 -7.50 -14.76
C2B NDP D . -1.45 -8.25 -16.57
O2B NDP D . -2.51 -8.00 -15.54
C1B NDP D . -1.80 -7.60 -17.89
N9A NDP D . -0.89 -7.78 -19.06
O3 NDP D . 2.06 -2.63 -14.86
PN NDP D . 1.64 -1.46 -13.87
O1N NDP D . 2.93 -0.68 -13.62
O2N NDP D . 0.92 -1.92 -12.87
O5D NDP D . 0.76 -0.54 -14.94
C5D NDP D . 1.31 -0.16 -16.18
C4D NDP D . 0.07 0.54 -16.82
O4D NDP D . -0.46 1.68 -16.08
C3D NDP D . 0.59 1.00 -18.18
O3D NDP D . -0.55 0.90 -19.02
C2D NDP D . 1.06 2.40 -17.80
O2D NDP D . 1.30 3.13 -18.97
C1D NDP D . -0.12 2.90 -16.92
N1N NDP D . 0.22 3.92 -15.93
C2N NDP D . -0.66 5.04 -15.94
C3N NDP D . -0.52 6.10 -15.13
C7N NDP D . -1.45 7.32 -15.12
O7N NDP D . -1.27 8.23 -14.37
N7N NDP D . -2.48 7.21 -16.06
C4N NDP D . 0.68 6.24 -14.02
C5N NDP D . 1.54 4.92 -14.14
C6N NDP D . 1.33 3.91 -15.00
P2B NDP D . -3.02 -9.25 -14.78
O1X NDP D . -4.03 -8.85 -13.71
O2X NDP D . -3.55 -10.08 -15.84
O3X NDP D . -1.81 -9.80 -14.04
#